data_2PW0
#
_entry.id   2PW0
#
_cell.length_a   51.879
_cell.length_b   104.054
_cell.length_c   78.212
_cell.angle_alpha   90.00
_cell.angle_beta   103.85
_cell.angle_gamma   90.00
#
_symmetry.space_group_name_H-M   'P 1 21 1'
#
loop_
_entity.id
_entity.type
_entity.pdbx_description
1 polymer 'PrpF methylaconitate isomerase'
2 non-polymer 1,2-ETHANEDIOL
3 non-polymer 'TRICARBALLYLIC ACID'
4 water water
#
_entity_poly.entity_id   1
_entity_poly.type   'polypeptide(L)'
_entity_poly.pdbx_seq_one_letter_code
;MSNKLFPPQIKVAATYMRGGTSKGVFFRLQDLPEAAQVPGPARDALLLRVIGSPDPYAKQIDGMGGATSSTSKTVILSHS
SKANHDVDYLFGQVSIDKPFVDWSGNCGNLTAAVGAFAISNGLIDAARIPRNGVCTVRIWQANIGKTIIAHVPITDGAVQ
ETGDFELDGVTFPAAEVQIEFMNPAADDDGEGGCMFPTGNLVDVLEVPGIGRFNATMINAGIPTIFINAEDLGYTGTELQ
DDINSDNAALAKFETIRAHGALRMGLIKHIDEAASRQHTPKIAFVAPPKSYASSSGKTVAAEDVDLLVRALSMGKLHHAM
MGTAAVAIGTAAAIPGTLVNLAAGGGEKEAVRFGHPSGTLRVGAQAVQENGEWTVIKAIMSRSARVLMEGFVRVPKP
;
_entity_poly.pdbx_strand_id   A,B
#
# COMPACT_ATOMS: atom_id res chain seq x y z
N PHE A 6 6.52 -30.76 1.03
CA PHE A 6 7.59 -29.76 1.31
C PHE A 6 8.79 -30.04 0.43
N PRO A 7 8.78 -29.50 -0.81
CA PRO A 7 9.85 -29.72 -1.77
C PRO A 7 11.17 -29.11 -1.30
N PRO A 8 12.30 -29.56 -1.89
CA PRO A 8 13.58 -28.92 -1.60
C PRO A 8 13.53 -27.42 -1.92
N GLN A 9 14.37 -26.65 -1.23
CA GLN A 9 14.57 -25.27 -1.64
C GLN A 9 15.12 -25.21 -3.08
N ILE A 10 14.76 -24.15 -3.80
CA ILE A 10 15.37 -23.89 -5.09
C ILE A 10 16.67 -23.11 -4.87
N LYS A 11 17.55 -23.18 -5.86
CA LYS A 11 18.81 -22.45 -5.81
C LYS A 11 18.79 -21.44 -6.95
N VAL A 12 19.24 -20.21 -6.66
CA VAL A 12 19.29 -19.14 -7.67
C VAL A 12 20.69 -18.52 -7.61
N ALA A 13 21.40 -18.53 -8.72
CA ALA A 13 22.75 -17.95 -8.75
C ALA A 13 22.67 -16.47 -8.36
N ALA A 14 23.58 -16.06 -7.48
CA ALA A 14 23.56 -14.69 -6.97
C ALA A 14 24.91 -14.32 -6.39
N THR A 15 25.14 -13.03 -6.22
CA THR A 15 26.36 -12.51 -5.64
C THR A 15 25.96 -11.49 -4.60
N TYR A 16 26.49 -11.65 -3.39
CA TYR A 16 26.23 -10.75 -2.29
C TYR A 16 27.43 -9.81 -2.24
N MET A 17 27.17 -8.52 -2.40
CA MET A 17 28.22 -7.51 -2.53
C MET A 17 28.03 -6.31 -1.62
N ARG A 18 29.14 -5.73 -1.21
CA ARG A 18 29.11 -4.37 -0.70
C ARG A 18 29.30 -3.42 -1.88
N GLY A 19 28.38 -2.46 -2.04
CA GLY A 19 28.59 -1.35 -2.94
C GLY A 19 28.53 -0.10 -2.09
N GLY A 20 29.62 0.66 -2.06
CA GLY A 20 29.69 1.84 -1.18
C GLY A 20 29.41 1.44 0.27
N THR A 21 28.51 2.18 0.90
CA THR A 21 28.17 1.96 2.31
C THR A 21 26.90 1.12 2.47
N SER A 22 26.62 0.24 1.50
CA SER A 22 25.45 -0.65 1.57
C SER A 22 25.83 -2.06 1.07
N LYS A 23 24.97 -3.04 1.38
CA LYS A 23 25.12 -4.41 0.87
C LYS A 23 23.83 -4.84 0.20
N GLY A 24 23.95 -5.69 -0.82
CA GLY A 24 22.76 -6.22 -1.47
C GLY A 24 23.03 -7.52 -2.16
N VAL A 25 21.95 -8.21 -2.49
CA VAL A 25 22.02 -9.40 -3.32
C VAL A 25 21.79 -9.04 -4.79
N PHE A 26 22.75 -9.44 -5.63
CA PHE A 26 22.81 -9.11 -7.05
C PHE A 26 22.51 -10.34 -7.89
N PHE A 27 21.62 -10.18 -8.88
CA PHE A 27 21.27 -11.26 -9.81
C PHE A 27 21.44 -10.80 -11.25
N ARG A 28 21.90 -11.72 -12.11
CA ARG A 28 21.72 -11.57 -13.56
C ARG A 28 20.28 -11.94 -13.89
N LEU A 29 19.65 -11.16 -14.77
CA LEU A 29 18.27 -11.44 -15.15
C LEU A 29 18.09 -12.89 -15.58
N GLN A 30 19.02 -13.40 -16.38
CA GLN A 30 18.91 -14.75 -16.96
C GLN A 30 19.00 -15.87 -15.93
N ASP A 31 19.54 -15.57 -14.75
CA ASP A 31 19.66 -16.57 -13.68
C ASP A 31 18.39 -16.69 -12.82
N LEU A 32 17.45 -15.76 -12.97
CA LEU A 32 16.21 -15.79 -12.19
C LEU A 32 15.31 -16.88 -12.75
N PRO A 33 14.47 -17.48 -11.87
CA PRO A 33 13.43 -18.37 -12.37
C PRO A 33 12.62 -17.64 -13.46
N GLU A 34 12.10 -18.39 -14.43
CA GLU A 34 11.38 -17.79 -15.58
C GLU A 34 10.31 -16.77 -15.16
N ALA A 35 9.50 -17.14 -14.18
CA ALA A 35 8.39 -16.29 -13.75
C ALA A 35 8.87 -14.96 -13.17
N ALA A 36 10.12 -14.94 -12.69
CA ALA A 36 10.69 -13.74 -12.09
C ALA A 36 11.49 -12.90 -13.07
N GLN A 37 11.53 -13.33 -14.33
CA GLN A 37 12.29 -12.61 -15.36
C GLN A 37 11.54 -11.39 -15.95
N VAL A 38 10.32 -11.15 -15.48
CA VAL A 38 9.61 -9.90 -15.75
C VAL A 38 9.19 -9.29 -14.40
N PRO A 39 9.06 -7.95 -14.34
CA PRO A 39 8.51 -7.34 -13.11
C PRO A 39 7.15 -7.95 -12.72
N GLY A 40 6.90 -8.07 -11.43
CA GLY A 40 5.60 -8.51 -10.96
C GLY A 40 5.64 -9.28 -9.65
N PRO A 41 4.49 -9.82 -9.21
CA PRO A 41 4.41 -10.52 -7.92
C PRO A 41 5.37 -11.71 -7.75
N ALA A 42 5.60 -12.50 -8.80
CA ALA A 42 6.53 -13.64 -8.73
C ALA A 42 7.94 -13.14 -8.45
N ARG A 43 8.35 -12.08 -9.12
CA ARG A 43 9.69 -11.53 -8.88
C ARG A 43 9.79 -10.99 -7.44
N ASP A 44 8.82 -10.18 -7.03
CA ASP A 44 8.79 -9.64 -5.68
C ASP A 44 8.77 -10.75 -4.63
N ALA A 45 7.97 -11.79 -4.83
CA ALA A 45 7.89 -12.88 -3.85
C ALA A 45 9.25 -13.58 -3.67
N LEU A 46 9.96 -13.80 -4.78
CA LEU A 46 11.29 -14.42 -4.72
C LEU A 46 12.25 -13.53 -3.92
N LEU A 47 12.27 -12.25 -4.27
CA LEU A 47 13.22 -11.32 -3.63
C LEU A 47 12.92 -11.13 -2.14
N LEU A 48 11.63 -11.03 -1.81
CA LEU A 48 11.22 -10.97 -0.41
C LEU A 48 11.75 -12.19 0.34
N ARG A 49 11.61 -13.39 -0.23
CA ARG A 49 12.03 -14.59 0.50
C ARG A 49 13.54 -14.63 0.60
N VAL A 50 14.22 -14.23 -0.47
CA VAL A 50 15.70 -14.21 -0.41
C VAL A 50 16.20 -13.35 0.76
N ILE A 51 15.62 -12.16 0.88
CA ILE A 51 16.04 -11.19 1.87
C ILE A 51 15.54 -11.55 3.28
N GLY A 52 14.43 -12.29 3.36
CA GLY A 52 13.87 -12.66 4.66
C GLY A 52 12.67 -11.82 5.10
N SER A 53 11.94 -11.26 4.15
CA SER A 53 10.79 -10.38 4.43
C SER A 53 9.49 -11.03 3.93
N PRO A 54 8.33 -10.58 4.44
CA PRO A 54 8.18 -9.62 5.54
C PRO A 54 8.52 -10.31 6.85
N ASP A 55 9.09 -9.57 7.78
CA ASP A 55 9.51 -10.15 9.04
C ASP A 55 8.95 -9.40 10.23
N PRO A 56 7.95 -9.98 10.93
CA PRO A 56 7.35 -9.32 12.09
C PRO A 56 8.37 -9.07 13.22
N TYR A 57 9.49 -9.82 13.20
CA TYR A 57 10.50 -9.68 14.24
C TYR A 57 11.47 -8.53 13.97
N ALA A 58 11.47 -8.05 12.72
CA ALA A 58 12.34 -6.96 12.26
C ALA A 58 13.82 -7.28 12.44
N LYS A 59 14.19 -8.53 12.19
CA LYS A 59 15.61 -8.96 12.33
C LYS A 59 16.21 -9.57 11.07
N GLN A 60 15.37 -10.00 10.13
CA GLN A 60 15.79 -10.72 8.90
C GLN A 60 16.82 -11.84 9.19
N ILE A 61 16.54 -12.57 10.27
CA ILE A 61 17.34 -13.75 10.62
C ILE A 61 17.07 -14.97 9.68
N ASP A 62 15.98 -14.91 8.93
CA ASP A 62 15.62 -15.98 8.01
C ASP A 62 15.79 -15.54 6.54
N GLY A 63 16.79 -14.69 6.30
CA GLY A 63 17.12 -14.32 4.92
C GLY A 63 18.45 -13.63 4.84
N MET A 64 18.75 -13.11 3.64
CA MET A 64 20.03 -12.45 3.39
C MET A 64 20.07 -10.99 3.88
N GLY A 65 18.91 -10.44 4.21
CA GLY A 65 18.84 -9.05 4.72
C GLY A 65 19.55 -8.88 6.06
N GLY A 66 19.82 -7.62 6.44
CA GLY A 66 20.41 -7.32 7.74
C GLY A 66 19.53 -6.38 8.57
N ALA A 67 18.26 -6.26 8.16
CA ALA A 67 17.23 -5.57 8.95
C ALA A 67 17.46 -4.05 9.03
N THR A 68 18.11 -3.52 8.01
CA THR A 68 18.24 -2.06 7.86
C THR A 68 18.05 -1.72 6.40
N SER A 69 17.78 -0.43 6.12
CA SER A 69 17.63 -0.01 4.73
C SER A 69 18.93 -0.16 3.92
N SER A 70 20.08 -0.26 4.60
CA SER A 70 21.36 -0.43 3.90
C SER A 70 21.71 -1.88 3.63
N THR A 71 20.85 -2.79 4.07
CA THR A 71 21.14 -4.23 3.92
C THR A 71 19.93 -5.02 3.45
N SER A 72 18.78 -4.39 3.29
CA SER A 72 17.57 -5.09 2.81
C SER A 72 17.34 -4.73 1.34
N LYS A 73 18.20 -5.24 0.46
CA LYS A 73 18.40 -4.65 -0.89
C LYS A 73 18.66 -5.69 -1.94
N THR A 74 18.08 -5.51 -3.13
CA THR A 74 18.29 -6.43 -4.24
C THR A 74 18.58 -5.68 -5.55
N VAL A 75 19.31 -6.33 -6.46
CA VAL A 75 19.69 -5.70 -7.74
C VAL A 75 19.54 -6.73 -8.83
N ILE A 76 18.92 -6.33 -9.95
CA ILE A 76 18.82 -7.20 -11.12
C ILE A 76 19.47 -6.47 -12.28
N LEU A 77 20.49 -7.12 -12.85
CA LEU A 77 21.23 -6.56 -13.97
C LEU A 77 21.01 -7.40 -15.22
N SER A 78 21.01 -6.74 -16.37
CA SER A 78 20.80 -7.40 -17.66
C SER A 78 21.57 -6.67 -18.76
N HIS A 79 21.85 -7.34 -19.90
CA HIS A 79 22.42 -6.64 -21.04
C HIS A 79 21.48 -5.51 -21.39
N SER A 80 22.00 -4.34 -21.74
CA SER A 80 21.14 -3.20 -22.07
C SER A 80 20.73 -3.23 -23.53
N SER A 81 19.49 -2.82 -23.81
CA SER A 81 19.08 -2.58 -25.18
C SER A 81 18.95 -1.08 -25.49
N LYS A 82 19.51 -0.26 -24.59
CA LYS A 82 19.58 1.19 -24.82
C LYS A 82 20.86 1.56 -25.57
N ALA A 83 20.72 2.44 -26.57
CA ALA A 83 21.87 2.91 -27.32
C ALA A 83 22.91 3.53 -26.39
N ASN A 84 24.17 3.21 -26.64
CA ASN A 84 25.31 3.77 -25.90
C ASN A 84 25.30 3.41 -24.40
N HIS A 85 24.70 2.27 -24.06
CA HIS A 85 24.75 1.73 -22.69
C HIS A 85 25.19 0.28 -22.70
N ASP A 86 25.73 -0.18 -21.58
CA ASP A 86 26.27 -1.54 -21.51
C ASP A 86 25.39 -2.49 -20.72
N VAL A 87 24.77 -1.97 -19.68
CA VAL A 87 24.05 -2.80 -18.72
C VAL A 87 22.84 -2.03 -18.21
N ASP A 88 21.73 -2.75 -18.04
CA ASP A 88 20.51 -2.20 -17.44
C ASP A 88 20.51 -2.59 -15.99
N TYR A 89 20.15 -1.63 -15.14
CA TYR A 89 20.25 -1.76 -13.69
C TYR A 89 18.90 -1.49 -13.05
N LEU A 90 18.34 -2.51 -12.39
CA LEU A 90 17.09 -2.37 -11.68
C LEU A 90 17.34 -2.60 -10.20
N PHE A 91 16.95 -1.63 -9.36
CA PHE A 91 17.19 -1.70 -7.95
C PHE A 91 15.86 -1.91 -7.20
N GLY A 92 15.84 -2.88 -6.28
CA GLY A 92 14.65 -3.12 -5.46
C GLY A 92 14.95 -2.97 -3.98
N GLN A 93 14.36 -1.96 -3.34
CA GLN A 93 14.47 -1.73 -1.92
C GLN A 93 13.41 -2.57 -1.20
N VAL A 94 13.86 -3.59 -0.50
CA VAL A 94 12.97 -4.59 0.09
C VAL A 94 12.47 -4.16 1.48
N SER A 95 11.15 -4.05 1.64
CA SER A 95 10.59 -3.68 2.93
C SER A 95 10.94 -4.74 3.96
N ILE A 96 11.23 -4.30 5.18
CA ILE A 96 11.49 -5.25 6.27
C ILE A 96 10.18 -5.83 6.81
N ASP A 97 9.18 -4.98 6.96
CA ASP A 97 7.95 -5.37 7.65
C ASP A 97 6.75 -5.69 6.75
N LYS A 98 6.81 -5.27 5.49
CA LYS A 98 5.69 -5.48 4.55
C LYS A 98 6.09 -6.34 3.35
N PRO A 99 5.12 -7.05 2.73
CA PRO A 99 5.42 -7.85 1.56
C PRO A 99 5.51 -6.94 0.34
N PHE A 100 6.57 -6.13 0.30
CA PHE A 100 6.68 -5.04 -0.66
C PHE A 100 8.13 -4.84 -1.07
N VAL A 101 8.35 -4.74 -2.38
CA VAL A 101 9.64 -4.35 -2.94
C VAL A 101 9.41 -3.03 -3.68
N ASP A 102 10.22 -2.03 -3.33
CA ASP A 102 10.05 -0.70 -3.86
C ASP A 102 11.01 -0.48 -5.01
N TRP A 103 10.44 -0.21 -6.17
CA TRP A 103 11.21 -0.05 -7.39
C TRP A 103 11.25 1.39 -7.86
N SER A 104 10.92 2.33 -6.99
CA SER A 104 10.77 3.74 -7.43
C SER A 104 12.05 4.55 -7.44
N GLY A 105 13.15 4.00 -6.93
CA GLY A 105 14.39 4.75 -6.87
C GLY A 105 15.63 3.95 -7.24
N ASN A 106 16.71 4.69 -7.47
CA ASN A 106 18.04 4.13 -7.65
C ASN A 106 18.68 3.98 -6.30
N CYS A 107 19.64 3.05 -6.19
CA CYS A 107 20.56 3.06 -5.05
C CYS A 107 21.89 3.57 -5.54
N GLY A 108 22.25 4.77 -5.10
CA GLY A 108 23.52 5.36 -5.49
C GLY A 108 24.75 4.77 -4.81
N ASN A 109 24.56 3.95 -3.78
CA ASN A 109 25.68 3.20 -3.20
C ASN A 109 25.90 1.90 -3.93
N LEU A 110 24.83 1.11 -4.13
CA LEU A 110 25.05 -0.14 -4.91
C LEU A 110 25.47 0.11 -6.37
N THR A 111 25.21 1.32 -6.86
CA THR A 111 25.68 1.73 -8.18
C THR A 111 27.17 1.38 -8.36
N ALA A 112 27.91 1.53 -7.27
CA ALA A 112 29.34 1.27 -7.25
C ALA A 112 29.69 -0.18 -7.59
N ALA A 113 28.80 -1.09 -7.23
CA ALA A 113 29.02 -2.52 -7.43
C ALA A 113 28.46 -3.02 -8.76
N VAL A 114 27.51 -2.27 -9.32
CA VAL A 114 26.86 -2.64 -10.56
C VAL A 114 27.86 -2.81 -11.72
N GLY A 115 28.77 -1.84 -11.88
CA GLY A 115 29.83 -1.93 -12.88
C GLY A 115 30.67 -3.19 -12.74
N ALA A 116 31.12 -3.46 -11.52
CA ALA A 116 31.97 -4.63 -11.27
C ALA A 116 31.19 -5.92 -11.55
N PHE A 117 29.95 -6.02 -11.05
CA PHE A 117 29.17 -7.23 -11.25
C PHE A 117 28.98 -7.46 -12.76
N ALA A 118 28.67 -6.40 -13.50
CA ALA A 118 28.46 -6.51 -14.94
C ALA A 118 29.67 -7.06 -15.67
N ILE A 119 30.85 -6.52 -15.36
CA ILE A 119 32.14 -6.98 -15.90
C ILE A 119 32.42 -8.44 -15.54
N SER A 120 32.21 -8.78 -14.27
CA SER A 120 32.53 -10.11 -13.79
C SER A 120 31.56 -11.19 -14.29
N ASN A 121 30.40 -10.79 -14.82
CA ASN A 121 29.34 -11.74 -15.11
C ASN A 121 28.83 -11.72 -16.55
N GLY A 122 29.68 -11.27 -17.46
CA GLY A 122 29.42 -11.36 -18.89
C GLY A 122 28.34 -10.43 -19.42
N LEU A 123 28.10 -9.32 -18.72
CA LEU A 123 27.06 -8.39 -19.19
C LEU A 123 27.60 -7.24 -20.03
N ILE A 124 28.92 -7.14 -20.13
CA ILE A 124 29.53 -6.07 -20.92
C ILE A 124 30.32 -6.63 -22.10
N ASP A 125 30.13 -6.00 -23.25
CA ASP A 125 30.87 -6.28 -24.46
C ASP A 125 32.34 -6.44 -24.10
N ALA A 126 32.88 -7.63 -24.32
CA ALA A 126 34.28 -7.92 -23.97
C ALA A 126 35.29 -7.00 -24.66
N ALA A 127 34.89 -6.40 -25.78
CA ALA A 127 35.73 -5.42 -26.49
C ALA A 127 35.96 -4.16 -25.65
N ARG A 128 35.04 -3.93 -24.69
CA ARG A 128 35.08 -2.74 -23.83
C ARG A 128 35.90 -2.96 -22.57
N ILE A 129 36.35 -4.20 -22.34
CA ILE A 129 37.11 -4.54 -21.13
C ILE A 129 38.58 -4.72 -21.48
N PRO A 130 39.45 -3.80 -20.99
CA PRO A 130 40.87 -3.94 -21.30
C PRO A 130 41.50 -5.05 -20.47
N ARG A 131 42.69 -5.49 -20.84
CA ARG A 131 43.47 -6.43 -20.04
C ARG A 131 43.90 -5.77 -18.71
N ASN A 132 44.29 -4.51 -18.82
CA ASN A 132 44.58 -3.70 -17.66
C ASN A 132 44.09 -2.29 -17.92
N GLY A 133 43.71 -1.59 -16.86
CA GLY A 133 43.41 -0.18 -16.96
C GLY A 133 42.08 0.08 -16.32
N VAL A 134 41.19 0.72 -17.08
CA VAL A 134 39.89 1.16 -16.59
C VAL A 134 38.81 0.73 -17.58
N CYS A 135 37.79 0.05 -17.07
CA CYS A 135 36.65 -0.26 -17.89
C CYS A 135 35.53 0.72 -17.56
N THR A 136 35.15 1.54 -18.54
CA THR A 136 34.09 2.51 -18.34
C THR A 136 32.74 1.84 -18.61
N VAL A 137 31.99 1.58 -17.55
CA VAL A 137 30.70 0.91 -17.71
C VAL A 137 29.60 1.95 -17.83
N ARG A 138 28.85 1.91 -18.93
CA ARG A 138 27.75 2.85 -19.13
C ARG A 138 26.46 2.16 -18.65
N ILE A 139 25.96 2.62 -17.50
CA ILE A 139 24.81 2.00 -16.85
C ILE A 139 23.52 2.74 -17.18
N TRP A 140 22.51 1.99 -17.60
CA TRP A 140 21.17 2.54 -17.75
C TRP A 140 20.44 2.21 -16.47
N GLN A 141 20.18 3.25 -15.70
CA GLN A 141 19.47 3.12 -14.43
C GLN A 141 17.99 3.03 -14.79
N ALA A 142 17.45 1.81 -14.73
CA ALA A 142 16.10 1.54 -15.23
C ALA A 142 14.94 1.97 -14.31
N ASN A 143 15.21 2.20 -13.02
CA ASN A 143 14.19 2.69 -12.10
C ASN A 143 13.81 4.13 -12.43
N ILE A 144 14.82 4.93 -12.76
CA ILE A 144 14.64 6.36 -12.93
C ILE A 144 14.90 6.87 -14.34
N GLY A 145 15.36 6.01 -15.24
CA GLY A 145 15.65 6.42 -16.61
C GLY A 145 16.78 7.43 -16.70
N LYS A 146 17.93 7.06 -16.15
CA LYS A 146 19.11 7.92 -16.16
C LYS A 146 20.38 7.16 -16.47
N THR A 147 21.36 7.85 -17.04
CA THR A 147 22.66 7.28 -17.36
C THR A 147 23.60 7.50 -16.18
N ILE A 148 24.28 6.43 -15.77
CA ILE A 148 25.34 6.53 -14.75
C ILE A 148 26.58 5.88 -15.34
N ILE A 149 27.71 6.56 -15.24
CA ILE A 149 28.99 6.01 -15.73
C ILE A 149 29.82 5.54 -14.53
N ALA A 150 30.31 4.30 -14.57
CA ALA A 150 31.18 3.78 -13.52
C ALA A 150 32.53 3.42 -14.12
N HIS A 151 33.61 3.97 -13.57
CA HIS A 151 34.95 3.66 -14.09
C HIS A 151 35.56 2.63 -13.17
N VAL A 152 35.55 1.38 -13.64
CA VAL A 152 35.97 0.25 -12.82
C VAL A 152 37.39 -0.18 -13.19
N PRO A 153 38.29 -0.23 -12.21
CA PRO A 153 39.69 -0.62 -12.48
C PRO A 153 39.79 -2.10 -12.81
N ILE A 154 40.68 -2.43 -13.76
CA ILE A 154 40.86 -3.78 -14.25
C ILE A 154 42.31 -4.21 -14.05
N THR A 155 42.50 -5.40 -13.50
CA THR A 155 43.84 -5.98 -13.44
C THR A 155 43.77 -7.40 -13.98
N ASP A 156 44.62 -7.70 -14.97
CA ASP A 156 44.66 -9.05 -15.54
C ASP A 156 43.29 -9.53 -16.02
N GLY A 157 42.56 -8.63 -16.69
CA GLY A 157 41.29 -8.95 -17.33
C GLY A 157 40.13 -9.15 -16.36
N ALA A 158 40.38 -8.89 -15.08
CA ALA A 158 39.37 -9.08 -14.05
C ALA A 158 39.22 -7.80 -13.23
N VAL A 159 38.07 -7.61 -12.60
CA VAL A 159 37.88 -6.44 -11.74
C VAL A 159 38.96 -6.39 -10.67
N GLN A 160 39.55 -5.23 -10.48
CA GLN A 160 40.44 -4.97 -9.37
C GLN A 160 39.56 -4.51 -8.23
N GLU A 161 39.32 -5.41 -7.26
CA GLU A 161 38.47 -5.09 -6.12
C GLU A 161 39.19 -4.42 -4.96
N THR A 162 40.39 -4.91 -4.66
CA THR A 162 41.15 -4.50 -3.49
C THR A 162 41.94 -3.24 -3.81
N GLY A 163 42.23 -2.47 -2.76
CA GLY A 163 42.99 -1.23 -2.92
C GLY A 163 43.06 -0.44 -1.63
N ASP A 164 43.50 0.80 -1.73
CA ASP A 164 43.75 1.61 -0.52
C ASP A 164 42.85 2.84 -0.43
N PHE A 165 41.78 2.86 -1.23
CA PHE A 165 40.84 3.98 -1.19
C PHE A 165 39.85 3.85 -0.03
N GLU A 166 39.76 4.91 0.76
CA GLU A 166 38.87 4.97 1.92
C GLU A 166 37.58 5.72 1.59
N LEU A 167 36.45 5.15 2.02
CA LEU A 167 35.15 5.81 1.94
C LEU A 167 34.61 5.74 3.35
N ASP A 168 34.31 6.90 3.94
CA ASP A 168 33.77 6.96 5.31
C ASP A 168 32.46 6.22 5.35
N GLY A 169 32.35 5.30 6.31
CA GLY A 169 31.22 4.38 6.31
C GLY A 169 31.55 3.01 5.77
N VAL A 170 32.73 2.88 5.16
CA VAL A 170 33.24 1.57 4.69
C VAL A 170 34.40 1.16 5.60
N THR A 171 34.25 0.04 6.28
CA THR A 171 35.22 -0.35 7.33
C THR A 171 36.64 -0.43 6.78
N PHE A 172 36.81 -1.08 5.63
CA PHE A 172 38.17 -1.35 5.13
C PHE A 172 38.34 -0.74 3.73
N PRO A 173 39.56 -0.28 3.40
CA PRO A 173 39.76 0.28 2.07
C PRO A 173 39.65 -0.75 0.98
N ALA A 174 39.36 -0.28 -0.24
CA ALA A 174 39.26 -1.13 -1.41
C ALA A 174 39.60 -0.26 -2.62
N ALA A 175 39.46 -0.79 -3.84
CA ALA A 175 39.81 0.01 -5.04
C ALA A 175 38.82 1.16 -5.25
N GLU A 176 39.33 2.31 -5.66
CA GLU A 176 38.45 3.44 -5.94
C GLU A 176 37.65 3.17 -7.22
N VAL A 177 36.35 3.47 -7.15
CA VAL A 177 35.48 3.42 -8.31
C VAL A 177 34.83 4.79 -8.48
N GLN A 178 35.26 5.50 -9.52
CA GLN A 178 34.67 6.82 -9.82
C GLN A 178 33.34 6.65 -10.53
N ILE A 179 32.34 7.36 -10.01
CA ILE A 179 30.98 7.28 -10.55
C ILE A 179 30.51 8.64 -11.04
N GLU A 180 29.83 8.65 -12.21
CA GLU A 180 29.32 9.89 -12.79
CA GLU A 180 29.30 9.88 -12.76
C GLU A 180 27.82 9.77 -13.05
N PHE A 181 27.02 10.54 -12.31
CA PHE A 181 25.58 10.56 -12.48
C PHE A 181 25.25 11.63 -13.53
N MET A 182 24.92 11.19 -14.74
CA MET A 182 24.71 12.10 -15.87
C MET A 182 23.34 12.76 -15.79
N ASN A 183 23.31 14.05 -16.16
CA ASN A 183 22.08 14.81 -16.25
C ASN A 183 21.14 14.51 -15.07
N PRO A 184 21.63 14.71 -13.83
CA PRO A 184 20.88 14.24 -12.65
C PRO A 184 19.50 14.90 -12.44
N ALA A 185 19.31 16.14 -12.90
CA ALA A 185 18.00 16.79 -12.72
C ALA A 185 16.87 15.98 -13.39
N ALA A 186 15.74 15.82 -12.67
CA ALA A 186 14.56 15.18 -13.29
C ALA A 186 14.19 15.89 -14.59
N ASP A 187 13.78 15.09 -15.58
CA ASP A 187 13.32 15.59 -16.88
N CYS A 194 11.26 18.15 -13.71
C CYS A 194 13.27 19.48 -12.31
N MET A 195 14.32 20.29 -12.22
CA MET A 195 15.18 20.29 -11.04
C MET A 195 14.44 20.78 -9.80
N PHE A 196 13.72 21.90 -9.93
CA PHE A 196 12.96 22.46 -8.83
C PHE A 196 11.46 22.42 -9.13
N PRO A 197 10.77 21.35 -8.71
CA PRO A 197 9.37 21.14 -9.08
C PRO A 197 8.42 22.27 -8.69
N THR A 198 8.74 22.99 -7.62
CA THR A 198 7.92 24.14 -7.16
C THR A 198 8.21 25.39 -7.96
N GLY A 199 9.33 25.36 -8.72
CA GLY A 199 9.79 26.53 -9.46
C GLY A 199 10.59 27.49 -8.60
N ASN A 200 10.82 27.13 -7.34
CA ASN A 200 11.56 27.99 -6.45
C ASN A 200 12.77 27.28 -5.86
N LEU A 201 13.82 28.05 -5.62
CA LEU A 201 15.03 27.59 -4.92
C LEU A 201 14.74 27.25 -3.45
N VAL A 202 13.90 28.07 -2.81
CA VAL A 202 13.51 27.88 -1.43
C VAL A 202 12.01 28.12 -1.32
N ASP A 203 11.35 27.29 -0.51
CA ASP A 203 9.93 27.45 -0.21
C ASP A 203 9.75 27.45 1.30
N VAL A 204 8.55 27.80 1.75
CA VAL A 204 8.17 27.63 3.14
C VAL A 204 7.12 26.53 3.16
N LEU A 205 7.42 25.45 3.89
CA LEU A 205 6.46 24.37 4.09
C LEU A 205 5.62 24.71 5.32
N GLU A 206 4.32 24.86 5.11
CA GLU A 206 3.40 25.22 6.15
C GLU A 206 2.73 23.94 6.62
N VAL A 207 3.06 23.56 7.83
CA VAL A 207 2.54 22.34 8.43
C VAL A 207 1.64 22.80 9.57
N PRO A 208 0.33 22.93 9.31
CA PRO A 208 -0.60 23.62 10.21
C PRO A 208 -0.61 22.99 11.60
N GLY A 209 -0.30 23.82 12.61
CA GLY A 209 -0.27 23.37 14.00
C GLY A 209 1.03 22.74 14.45
N ILE A 210 1.99 22.58 13.52
CA ILE A 210 3.29 22.01 13.88
C ILE A 210 4.46 22.94 13.56
N GLY A 211 4.29 23.85 12.59
CA GLY A 211 5.30 24.86 12.30
C GLY A 211 5.41 25.21 10.83
N ARG A 212 6.26 26.18 10.51
CA ARG A 212 6.57 26.47 9.12
C ARG A 212 8.07 26.45 8.87
N PHE A 213 8.44 25.76 7.79
CA PHE A 213 9.82 25.36 7.61
C PHE A 213 10.31 25.76 6.24
N ASN A 214 11.40 26.53 6.22
CA ASN A 214 12.10 26.80 4.97
C ASN A 214 12.64 25.49 4.43
N ALA A 215 12.46 25.28 3.12
CA ALA A 215 12.90 24.06 2.48
C ALA A 215 13.32 24.29 1.05
N THR A 216 14.36 23.58 0.64
CA THR A 216 14.66 23.42 -0.78
C THR A 216 14.23 22.03 -1.21
N MET A 217 13.36 21.97 -2.22
CA MET A 217 12.89 20.72 -2.75
C MET A 217 13.47 20.56 -4.15
N ILE A 218 14.22 19.47 -4.32
CA ILE A 218 14.97 19.23 -5.54
C ILE A 218 14.84 17.79 -6.04
N ASN A 219 14.71 17.65 -7.36
CA ASN A 219 14.65 16.36 -8.05
C ASN A 219 15.96 16.09 -8.75
N ALA A 220 16.92 15.53 -8.02
CA ALA A 220 18.24 15.24 -8.57
C ALA A 220 18.84 14.12 -7.77
N GLY A 221 19.08 12.98 -8.42
CA GLY A 221 19.50 11.77 -7.70
C GLY A 221 18.29 10.99 -7.22
N ILE A 222 17.49 11.66 -6.40
CA ILE A 222 16.23 11.16 -5.88
C ILE A 222 15.49 12.43 -5.46
N PRO A 223 14.14 12.43 -5.49
CA PRO A 223 13.50 13.65 -5.01
C PRO A 223 13.81 13.86 -3.53
N THR A 224 14.25 15.07 -3.18
CA THR A 224 14.77 15.35 -1.84
C THR A 224 14.27 16.67 -1.31
N ILE A 225 13.90 16.67 -0.04
CA ILE A 225 13.56 17.87 0.68
C ILE A 225 14.68 18.20 1.67
N PHE A 226 15.30 19.36 1.51
CA PHE A 226 16.27 19.85 2.48
C PHE A 226 15.69 20.94 3.36
N ILE A 227 15.88 20.82 4.67
CA ILE A 227 15.43 21.80 5.64
C ILE A 227 16.65 22.21 6.50
N ASN A 228 16.57 23.37 7.15
CA ASN A 228 17.65 23.80 8.06
C ASN A 228 17.59 23.12 9.41
N ALA A 229 18.73 22.61 9.85
CA ALA A 229 18.86 21.93 11.13
C ALA A 229 18.28 22.80 12.26
N GLU A 230 18.64 24.08 12.25
CA GLU A 230 18.23 25.01 13.31
C GLU A 230 16.71 25.13 13.47
N ASP A 231 15.98 25.01 12.36
CA ASP A 231 14.51 25.16 12.36
C ASP A 231 13.83 23.97 13.04
N LEU A 232 14.61 22.92 13.23
CA LEU A 232 14.18 21.71 13.93
C LEU A 232 14.80 21.63 15.34
N GLY A 233 15.63 22.62 15.68
CA GLY A 233 16.35 22.64 16.96
C GLY A 233 17.59 21.76 16.96
N TYR A 234 18.00 21.32 15.78
CA TYR A 234 19.21 20.51 15.64
C TYR A 234 20.41 21.38 15.25
N THR A 235 21.61 20.79 15.30
CA THR A 235 22.83 21.51 14.95
C THR A 235 23.46 20.99 13.65
N GLY A 236 23.05 19.80 13.21
CA GLY A 236 23.67 19.15 12.06
C GLY A 236 24.78 18.18 12.42
N THR A 237 25.17 18.13 13.70
CA THR A 237 26.20 17.19 14.18
C THR A 237 25.62 15.89 14.79
N GLU A 238 24.28 15.78 14.79
CA GLU A 238 23.58 14.64 15.38
C GLU A 238 24.04 13.29 14.79
N LEU A 239 24.13 12.30 15.68
CA LEU A 239 24.40 10.90 15.32
C LEU A 239 23.08 10.13 15.47
N GLN A 240 23.08 8.86 15.06
CA GLN A 240 21.82 8.10 15.07
C GLN A 240 21.09 8.09 16.42
N ASP A 241 21.83 7.99 17.51
CA ASP A 241 21.22 7.85 18.83
C ASP A 241 20.56 9.13 19.33
N ASP A 242 20.93 10.26 18.73
CA ASP A 242 20.31 11.54 19.05
C ASP A 242 18.87 11.64 18.55
N ILE A 243 18.54 10.83 17.54
CA ILE A 243 17.28 10.98 16.83
C ILE A 243 16.42 9.70 16.81
N ASN A 244 17.05 8.54 16.67
CA ASN A 244 16.31 7.33 16.33
C ASN A 244 15.46 6.68 17.40
N SER A 245 15.61 7.18 18.62
CA SER A 245 14.77 6.76 19.75
C SER A 245 13.75 7.83 20.13
N ASP A 246 13.78 8.95 19.41
CA ASP A 246 12.92 10.11 19.69
C ASP A 246 11.71 10.08 18.75
N ASN A 247 10.66 9.41 19.22
CA ASN A 247 9.48 9.21 18.39
C ASN A 247 8.73 10.49 17.98
N ALA A 248 8.73 11.48 18.86
CA ALA A 248 8.19 12.80 18.53
C ALA A 248 8.97 13.42 17.35
N ALA A 249 10.30 13.38 17.43
CA ALA A 249 11.15 13.89 16.35
C ALA A 249 10.90 13.14 15.08
N LEU A 250 10.84 11.81 15.16
CA LEU A 250 10.60 10.99 13.98
C LEU A 250 9.25 11.33 13.33
N ALA A 251 8.20 11.47 14.15
CA ALA A 251 6.88 11.84 13.63
C ALA A 251 6.89 13.23 12.99
N LYS A 252 7.61 14.16 13.59
CA LYS A 252 7.75 15.52 13.05
C LYS A 252 8.42 15.49 11.66
N PHE A 253 9.54 14.78 11.54
CA PHE A 253 10.18 14.63 10.24
C PHE A 253 9.21 14.09 9.20
N GLU A 254 8.44 13.05 9.56
CA GLU A 254 7.55 12.41 8.62
C GLU A 254 6.44 13.33 8.12
N THR A 255 5.86 14.14 9.01
CA THR A 255 4.83 15.11 8.62
C THR A 255 5.40 16.18 7.69
N ILE A 256 6.60 16.66 7.98
CA ILE A 256 7.27 17.60 7.09
C ILE A 256 7.54 16.93 5.72
N ARG A 257 8.07 15.69 5.74
CA ARG A 257 8.28 14.94 4.48
C ARG A 257 6.99 14.80 3.67
N ALA A 258 5.89 14.47 4.35
CA ALA A 258 4.58 14.35 3.68
C ALA A 258 4.14 15.63 3.00
N HIS A 259 4.24 16.73 3.74
CA HIS A 259 3.89 18.04 3.21
C HIS A 259 4.77 18.49 2.06
N GLY A 260 6.05 18.15 2.12
CA GLY A 260 6.95 18.42 0.99
C GLY A 260 6.58 17.58 -0.22
N ALA A 261 6.22 16.32 0.01
CA ALA A 261 5.79 15.44 -1.09
C ALA A 261 4.56 16.05 -1.80
N LEU A 262 3.64 16.57 -1.00
CA LEU A 262 2.44 17.26 -1.50
C LEU A 262 2.84 18.49 -2.31
N ARG A 263 3.71 19.33 -1.75
CA ARG A 263 4.18 20.55 -2.42
C ARG A 263 4.94 20.27 -3.72
N MET A 264 5.68 19.17 -3.77
CA MET A 264 6.44 18.78 -4.97
C MET A 264 5.59 18.13 -6.09
N GLY A 265 4.32 17.87 -5.79
CA GLY A 265 3.44 17.19 -6.73
C GLY A 265 3.61 15.68 -6.81
N LEU A 266 4.46 15.13 -5.93
CA LEU A 266 4.71 13.69 -5.87
C LEU A 266 3.49 12.90 -5.38
N ILE A 267 2.71 13.53 -4.51
CA ILE A 267 1.43 12.94 -4.05
C ILE A 267 0.34 14.01 -4.17
N LYS A 268 -0.90 13.56 -4.35
CA LYS A 268 -2.06 14.46 -4.47
C LYS A 268 -2.82 14.65 -3.15
N HIS A 269 -2.77 13.63 -2.29
CA HIS A 269 -3.42 13.69 -0.98
C HIS A 269 -2.37 13.35 0.07
N ILE A 270 -2.40 14.07 1.19
CA ILE A 270 -1.37 13.95 2.23
C ILE A 270 -1.23 12.55 2.83
N ASP A 271 -2.33 11.80 2.86
CA ASP A 271 -2.33 10.45 3.40
C ASP A 271 -1.53 9.45 2.54
N GLU A 272 -1.22 9.85 1.31
CA GLU A 272 -0.45 8.99 0.42
C GLU A 272 0.96 8.76 0.95
N ALA A 273 1.45 9.69 1.75
CA ALA A 273 2.83 9.60 2.25
C ALA A 273 3.10 8.36 3.11
N ALA A 274 2.09 7.87 3.81
CA ALA A 274 2.28 6.75 4.73
C ALA A 274 2.69 5.47 3.98
N SER A 275 2.15 5.31 2.77
CA SER A 275 2.46 4.15 1.92
C SER A 275 3.49 4.46 0.81
N ARG A 276 4.13 5.63 0.91
CA ARG A 276 5.18 6.01 -0.03
C ARG A 276 6.36 6.53 0.79
N GLN A 277 7.06 5.59 1.42
CA GLN A 277 8.13 5.92 2.35
C GLN A 277 9.49 6.16 1.68
N HIS A 278 9.66 5.69 0.44
CA HIS A 278 10.99 5.73 -0.18
C HIS A 278 11.30 7.11 -0.79
N THR A 279 10.31 7.77 -1.37
CA THR A 279 10.48 9.12 -1.88
C THR A 279 9.30 10.01 -1.49
N PRO A 280 9.54 11.32 -1.31
CA PRO A 280 10.87 11.95 -1.38
C PRO A 280 11.64 11.65 -0.10
N LYS A 281 12.95 11.90 -0.13
CA LYS A 281 13.79 11.81 1.05
C LYS A 281 13.72 13.15 1.75
N ILE A 282 13.96 13.15 3.06
CA ILE A 282 14.09 14.41 3.78
C ILE A 282 15.45 14.44 4.48
N ALA A 283 16.07 15.62 4.47
CA ALA A 283 17.39 15.78 5.05
C ALA A 283 17.47 17.16 5.66
N PHE A 284 18.39 17.33 6.60
CA PHE A 284 18.66 18.65 7.18
C PHE A 284 20.12 19.08 7.06
N VAL A 285 20.31 20.39 6.93
CA VAL A 285 21.60 20.95 6.59
C VAL A 285 22.02 22.00 7.62
N ALA A 286 23.32 22.23 7.72
CA ALA A 286 23.86 23.27 8.60
C ALA A 286 25.24 23.67 8.12
N PRO A 287 25.68 24.90 8.47
CA PRO A 287 27.09 25.27 8.26
C PRO A 287 28.07 24.31 8.96
N PRO A 288 29.36 24.36 8.57
CA PRO A 288 30.38 23.50 9.16
C PRO A 288 30.44 23.64 10.69
N LYS A 289 30.55 22.51 11.37
CA LYS A 289 30.81 22.48 12.79
C LYS A 289 31.54 21.18 13.07
N SER A 290 32.49 21.22 14.00
CA SER A 290 33.24 20.03 14.38
C SER A 290 32.35 19.02 15.13
N TYR A 291 32.61 17.73 14.90
CA TYR A 291 31.93 16.66 15.64
C TYR A 291 32.68 15.34 15.59
N ALA A 292 32.37 14.46 16.54
CA ALA A 292 32.91 13.12 16.50
C ALA A 292 31.94 12.28 15.65
N SER A 293 32.49 11.61 14.66
CA SER A 293 31.67 10.74 13.81
C SER A 293 31.32 9.45 14.56
N SER A 294 30.48 8.62 13.93
CA SER A 294 30.07 7.35 14.53
C SER A 294 31.25 6.39 14.77
N SER A 295 32.35 6.60 14.04
CA SER A 295 33.56 5.76 14.17
C SER A 295 34.52 6.26 15.26
N GLY A 296 34.22 7.42 15.83
CA GLY A 296 35.06 8.01 16.86
C GLY A 296 36.01 9.07 16.33
N LYS A 297 36.17 9.12 15.01
CA LYS A 297 37.02 10.13 14.37
C LYS A 297 36.40 11.52 14.43
N THR A 298 37.22 12.51 14.75
CA THR A 298 36.78 13.91 14.75
C THR A 298 36.76 14.48 13.35
N VAL A 299 35.60 14.99 12.92
CA VAL A 299 35.46 15.74 11.67
C VAL A 299 35.56 17.20 12.08
N ALA A 300 36.62 17.90 11.66
CA ALA A 300 36.79 19.31 12.01
C ALA A 300 35.92 20.17 11.10
N ALA A 301 35.52 21.35 11.58
CA ALA A 301 34.74 22.29 10.76
C ALA A 301 35.43 22.59 9.44
N GLU A 302 36.77 22.68 9.48
CA GLU A 302 37.58 23.04 8.32
C GLU A 302 37.62 21.92 7.26
N ASP A 303 37.26 20.71 7.69
CA ASP A 303 37.23 19.52 6.82
C ASP A 303 36.02 19.49 5.89
N VAL A 304 35.00 20.31 6.18
CA VAL A 304 33.75 20.26 5.42
C VAL A 304 33.24 21.64 5.00
N ASP A 305 32.43 21.67 3.95
CA ASP A 305 31.79 22.91 3.50
C ASP A 305 30.42 23.08 4.12
N LEU A 306 29.83 21.98 4.58
CA LEU A 306 28.53 21.99 5.26
C LEU A 306 28.29 20.64 5.94
N LEU A 307 27.24 20.59 6.77
CA LEU A 307 26.77 19.34 7.38
C LEU A 307 25.46 18.94 6.75
N VAL A 308 25.32 17.64 6.47
CA VAL A 308 24.02 17.11 6.02
C VAL A 308 23.73 15.77 6.72
N ARG A 309 22.53 15.69 7.27
CA ARG A 309 21.98 14.44 7.83
C ARG A 309 20.71 14.12 7.04
N ALA A 310 20.49 12.85 6.78
CA ALA A 310 19.30 12.46 6.02
C ALA A 310 18.55 11.33 6.68
N LEU A 311 17.24 11.29 6.44
CA LEU A 311 16.41 10.20 6.92
C LEU A 311 16.21 9.17 5.82
N SER A 312 16.14 7.91 6.23
CA SER A 312 15.93 6.80 5.33
C SER A 312 14.86 5.90 5.97
N MET A 313 13.71 5.79 5.31
CA MET A 313 12.59 5.01 5.83
C MET A 313 12.24 5.37 7.26
N GLY A 314 12.26 6.67 7.53
CA GLY A 314 11.80 7.21 8.80
C GLY A 314 12.79 7.26 9.94
N LYS A 315 14.06 6.90 9.68
CA LYS A 315 15.09 6.92 10.73
C LYS A 315 16.32 7.64 10.19
N LEU A 316 17.08 8.29 11.06
CA LEU A 316 18.32 8.96 10.62
C LEU A 316 19.28 7.93 9.99
N HIS A 317 19.71 8.20 8.76
CA HIS A 317 20.63 7.32 8.05
C HIS A 317 22.02 7.32 8.70
N HIS A 318 22.67 6.15 8.66
CA HIS A 318 23.95 5.98 9.32
C HIS A 318 25.12 6.74 8.67
N ALA A 319 24.96 7.09 7.39
CA ALA A 319 25.97 7.83 6.64
C ALA A 319 25.25 8.81 5.72
N MET A 320 25.34 8.60 4.41
CA MET A 320 24.49 9.38 3.49
C MET A 320 24.12 8.54 2.27
N MET A 321 22.85 8.58 1.88
CA MET A 321 22.43 7.79 0.73
C MET A 321 23.12 8.35 -0.50
N GLY A 322 23.49 7.47 -1.43
CA GLY A 322 24.22 7.90 -2.63
C GLY A 322 23.39 8.84 -3.48
N THR A 323 22.10 8.57 -3.58
CA THR A 323 21.20 9.46 -4.33
C THR A 323 21.12 10.83 -3.66
N ALA A 324 21.09 10.82 -2.32
CA ALA A 324 21.07 12.07 -1.58
C ALA A 324 22.37 12.83 -1.81
N ALA A 325 23.49 12.12 -1.95
CA ALA A 325 24.76 12.82 -2.22
C ALA A 325 24.68 13.56 -3.54
N VAL A 326 24.00 12.96 -4.51
CA VAL A 326 23.78 13.60 -5.82
C VAL A 326 22.94 14.87 -5.66
N ALA A 327 21.91 14.77 -4.82
CA ALA A 327 21.01 15.91 -4.53
C ALA A 327 21.73 17.04 -3.82
N ILE A 328 22.63 16.68 -2.88
CA ILE A 328 23.43 17.66 -2.14
C ILE A 328 24.38 18.40 -3.10
N GLY A 329 25.11 17.63 -3.90
CA GLY A 329 26.07 18.23 -4.86
C GLY A 329 25.36 19.15 -5.85
N THR A 330 24.24 18.67 -6.38
CA THR A 330 23.51 19.42 -7.38
C THR A 330 22.92 20.68 -6.75
N ALA A 331 22.28 20.54 -5.58
CA ALA A 331 21.72 21.71 -4.88
C ALA A 331 22.80 22.72 -4.49
N ALA A 332 23.97 22.23 -4.09
CA ALA A 332 25.05 23.12 -3.63
C ALA A 332 25.55 24.01 -4.78
N ALA A 333 25.38 23.54 -6.01
CA ALA A 333 25.90 24.23 -7.20
C ALA A 333 24.97 25.36 -7.67
N ILE A 334 23.76 25.39 -7.10
CA ILE A 334 22.74 26.38 -7.47
C ILE A 334 22.69 27.46 -6.38
N PRO A 335 23.27 28.64 -6.65
CA PRO A 335 23.23 29.70 -5.64
C PRO A 335 21.83 29.99 -5.12
N GLY A 336 21.68 29.98 -3.79
CA GLY A 336 20.40 30.32 -3.18
C GLY A 336 19.64 29.15 -2.59
N THR A 337 19.97 27.92 -2.99
CA THR A 337 19.30 26.78 -2.32
C THR A 337 19.73 26.72 -0.86
N LEU A 338 18.99 26.02 0.00
CA LEU A 338 19.40 25.93 1.42
C LEU A 338 20.74 25.18 1.57
N VAL A 339 20.98 24.23 0.67
CA VAL A 339 22.24 23.49 0.67
C VAL A 339 23.40 24.43 0.30
N ASN A 340 23.22 25.17 -0.78
CA ASN A 340 24.19 26.20 -1.19
C ASN A 340 24.45 27.21 -0.07
N LEU A 341 23.40 27.65 0.61
CA LEU A 341 23.57 28.65 1.68
C LEU A 341 24.28 28.08 2.89
N ALA A 342 23.96 26.83 3.25
CA ALA A 342 24.66 26.18 4.36
C ALA A 342 26.17 26.13 4.10
N ALA A 343 26.51 26.07 2.81
CA ALA A 343 27.90 26.00 2.35
C ALA A 343 28.51 27.39 2.15
N GLY A 344 27.78 28.43 2.54
CA GLY A 344 28.31 29.80 2.48
C GLY A 344 27.80 30.66 1.33
N GLY A 345 27.03 30.08 0.43
CA GLY A 345 26.50 30.82 -0.72
C GLY A 345 27.54 31.02 -1.81
N GLY A 346 27.07 31.54 -2.95
CA GLY A 346 27.96 31.78 -4.08
C GLY A 346 28.10 30.55 -4.95
N GLU A 347 28.71 30.73 -6.11
CA GLU A 347 28.91 29.61 -7.03
C GLU A 347 29.84 28.57 -6.39
N LYS A 348 29.51 27.30 -6.65
CA LYS A 348 30.25 26.16 -6.10
C LYS A 348 30.26 25.04 -7.12
N GLU A 349 31.44 24.51 -7.40
CA GLU A 349 31.58 23.40 -8.33
C GLU A 349 31.64 22.05 -7.64
N ALA A 350 31.83 22.07 -6.32
CA ALA A 350 31.92 20.86 -5.50
C ALA A 350 31.69 21.21 -4.04
N VAL A 351 31.27 20.23 -3.25
CA VAL A 351 31.24 20.41 -1.79
C VAL A 351 31.65 19.15 -1.07
N ARG A 352 32.30 19.32 0.08
CA ARG A 352 32.52 18.20 0.97
C ARG A 352 31.52 18.37 2.11
N PHE A 353 30.69 17.35 2.34
CA PHE A 353 29.73 17.45 3.44
C PHE A 353 30.05 16.44 4.54
N GLY A 354 29.69 16.82 5.77
CA GLY A 354 29.81 15.94 6.93
C GLY A 354 28.49 15.25 7.22
N HIS A 355 28.53 13.92 7.20
CA HIS A 355 27.39 13.08 7.60
C HIS A 355 27.79 12.30 8.85
N PRO A 356 26.87 11.51 9.43
CA PRO A 356 27.23 10.82 10.68
C PRO A 356 28.50 9.93 10.68
N SER A 357 28.86 9.34 9.53
CA SER A 357 29.98 8.42 9.48
C SER A 357 31.28 9.11 9.02
N GLY A 358 31.26 10.42 8.77
CA GLY A 358 32.45 11.11 8.26
C GLY A 358 32.08 12.14 7.21
N THR A 359 32.85 12.18 6.12
CA THR A 359 32.68 13.18 5.08
C THR A 359 32.63 12.54 3.69
N LEU A 360 32.07 13.29 2.74
CA LEU A 360 32.12 12.89 1.34
C LEU A 360 32.17 14.12 0.48
N ARG A 361 33.00 14.05 -0.55
CA ARG A 361 33.08 15.09 -1.57
C ARG A 361 32.29 14.70 -2.81
N VAL A 362 31.43 15.61 -3.22
CA VAL A 362 30.69 15.48 -4.47
CA VAL A 362 30.71 15.47 -4.49
C VAL A 362 30.98 16.68 -5.36
N GLY A 363 31.21 16.41 -6.65
CA GLY A 363 31.44 17.46 -7.64
C GLY A 363 30.21 17.58 -8.53
N ALA A 364 29.77 18.81 -8.80
CA ALA A 364 28.64 19.05 -9.67
C ALA A 364 28.75 20.48 -10.14
N GLN A 365 29.28 20.66 -11.34
CA GLN A 365 29.40 22.01 -11.88
C GLN A 365 28.12 22.36 -12.63
N ALA A 366 27.56 23.51 -12.27
CA ALA A 366 26.40 24.06 -12.96
C ALA A 366 26.88 25.13 -13.94
N VAL A 367 26.26 25.18 -15.10
CA VAL A 367 26.61 26.15 -16.14
C VAL A 367 25.33 26.87 -16.58
N GLN A 368 25.43 28.18 -16.75
CA GLN A 368 24.27 28.96 -17.21
C GLN A 368 24.08 28.76 -18.70
N GLU A 369 22.83 28.57 -19.12
CA GLU A 369 22.47 28.55 -20.52
C GLU A 369 21.15 29.31 -20.60
N ASN A 370 21.07 30.37 -21.41
CA ASN A 370 19.81 31.12 -21.53
C ASN A 370 19.34 31.69 -20.18
N GLY A 371 20.30 32.03 -19.32
CA GLY A 371 20.00 32.58 -18.02
C GLY A 371 19.52 31.57 -16.98
N GLU A 372 19.63 30.28 -17.29
CA GLU A 372 19.23 29.22 -16.34
C GLU A 372 20.37 28.23 -16.09
N TRP A 373 20.42 27.70 -14.87
CA TRP A 373 21.44 26.70 -14.50
C TRP A 373 21.10 25.33 -15.03
N THR A 374 22.13 24.64 -15.53
CA THR A 374 22.02 23.24 -15.92
C THR A 374 23.23 22.50 -15.35
N VAL A 375 23.04 21.22 -15.05
CA VAL A 375 24.10 20.40 -14.46
C VAL A 375 24.32 19.13 -15.32
N ILE A 376 25.49 19.05 -15.95
CA ILE A 376 25.84 17.95 -16.84
C ILE A 376 25.96 16.62 -16.10
N LYS A 377 26.54 16.67 -14.90
CA LYS A 377 26.81 15.44 -14.11
C LYS A 377 27.19 15.79 -12.68
N ALA A 378 26.90 14.86 -11.78
CA ALA A 378 27.38 14.89 -10.41
C ALA A 378 28.35 13.72 -10.25
N ILE A 379 29.51 13.96 -9.66
CA ILE A 379 30.56 12.94 -9.62
C ILE A 379 31.01 12.69 -8.20
N MET A 380 31.36 11.44 -7.89
CA MET A 380 31.86 11.07 -6.58
C MET A 380 32.54 9.70 -6.71
N SER A 381 33.34 9.35 -5.71
CA SER A 381 33.99 8.03 -5.70
C SER A 381 33.46 7.17 -4.58
N ARG A 382 33.28 5.89 -4.91
CA ARG A 382 32.97 4.86 -3.93
C ARG A 382 33.96 3.68 -4.10
N SER A 383 33.56 2.50 -3.63
CA SER A 383 34.34 1.28 -3.83
C SER A 383 33.33 0.14 -3.68
N ALA A 384 33.74 -1.07 -4.01
CA ALA A 384 32.82 -2.23 -4.00
C ALA A 384 33.61 -3.52 -3.88
N ARG A 385 33.00 -4.57 -3.32
CA ARG A 385 33.66 -5.89 -3.37
C ARG A 385 32.64 -6.99 -3.20
N VAL A 386 32.96 -8.14 -3.78
CA VAL A 386 32.18 -9.34 -3.56
C VAL A 386 32.40 -9.84 -2.12
N LEU A 387 31.30 -10.10 -1.41
CA LEU A 387 31.33 -10.69 -0.07
C LEU A 387 31.13 -12.22 -0.13
N MET A 388 30.16 -12.64 -0.92
CA MET A 388 29.84 -14.05 -1.10
C MET A 388 29.26 -14.24 -2.47
N GLU A 389 29.60 -15.36 -3.11
CA GLU A 389 29.08 -15.66 -4.45
C GLU A 389 28.71 -17.14 -4.50
N GLY A 390 27.65 -17.45 -5.24
CA GLY A 390 27.23 -18.85 -5.36
C GLY A 390 25.75 -18.87 -5.64
N PHE A 391 25.00 -19.50 -4.75
CA PHE A 391 23.55 -19.63 -4.94
C PHE A 391 22.82 -19.31 -3.66
N VAL A 392 21.79 -18.46 -3.74
CA VAL A 392 20.89 -18.25 -2.61
C VAL A 392 19.80 -19.30 -2.69
N ARG A 393 19.21 -19.64 -1.55
CA ARG A 393 18.13 -20.62 -1.52
C ARG A 393 16.85 -20.03 -0.95
N VAL A 394 15.72 -20.44 -1.54
CA VAL A 394 14.41 -20.19 -0.96
C VAL A 394 13.51 -21.42 -1.14
N PRO A 395 12.49 -21.57 -0.28
CA PRO A 395 11.48 -22.61 -0.57
C PRO A 395 10.85 -22.44 -1.95
N LYS A 396 10.42 -23.55 -2.52
CA LYS A 396 9.91 -23.57 -3.87
C LYS A 396 8.68 -22.69 -3.95
N PRO A 397 8.65 -21.75 -4.92
CA PRO A 397 7.50 -20.85 -5.13
C PRO A 397 6.20 -21.62 -5.36
CA LEU B 5 3.53 11.29 -23.85
C LEU B 5 2.66 10.80 -22.68
N PHE B 6 1.37 10.61 -22.95
CA PHE B 6 0.48 10.05 -21.95
C PHE B 6 0.00 8.71 -22.51
N PRO B 7 0.40 7.60 -21.86
CA PRO B 7 0.02 6.30 -22.40
C PRO B 7 -1.51 6.12 -22.38
N PRO B 8 -2.04 5.23 -23.24
CA PRO B 8 -3.48 4.93 -23.21
C PRO B 8 -3.93 4.32 -21.88
N GLN B 9 -5.22 4.44 -21.58
CA GLN B 9 -5.77 3.75 -20.42
C GLN B 9 -5.63 2.27 -20.61
N ILE B 10 -5.44 1.56 -19.50
CA ILE B 10 -5.55 0.10 -19.51
C ILE B 10 -7.00 -0.32 -19.39
N LYS B 11 -7.28 -1.55 -19.84
CA LYS B 11 -8.60 -2.16 -19.72
C LYS B 11 -8.50 -3.37 -18.81
N VAL B 12 -9.43 -3.46 -17.86
CA VAL B 12 -9.48 -4.57 -16.90
C VAL B 12 -10.88 -5.17 -16.96
N ALA B 13 -10.96 -6.47 -17.26
CA ALA B 13 -12.25 -7.15 -17.32
C ALA B 13 -12.94 -7.02 -15.97
N ALA B 14 -14.22 -6.65 -16.00
CA ALA B 14 -14.96 -6.43 -14.74
C ALA B 14 -16.45 -6.54 -14.98
N THR B 15 -17.16 -6.73 -13.90
CA THR B 15 -18.61 -6.72 -13.96
C THR B 15 -19.14 -5.80 -12.88
N TYR B 16 -20.04 -4.92 -13.29
CA TYR B 16 -20.67 -3.95 -12.38
C TYR B 16 -22.04 -4.55 -12.05
N MET B 17 -22.27 -4.77 -10.76
CA MET B 17 -23.45 -5.50 -10.32
C MET B 17 -24.16 -4.79 -9.17
N ARG B 18 -25.48 -4.96 -9.12
CA ARG B 18 -26.23 -4.71 -7.87
C ARG B 18 -26.26 -6.01 -7.08
N GLY B 19 -25.86 -5.93 -5.81
CA GLY B 19 -26.00 -7.03 -4.87
C GLY B 19 -26.81 -6.47 -3.71
N GLY B 20 -28.01 -7.00 -3.49
CA GLY B 20 -28.85 -6.47 -2.41
C GLY B 20 -29.13 -5.00 -2.72
N THR B 21 -29.00 -4.17 -1.69
CA THR B 21 -29.22 -2.74 -1.82
C THR B 21 -27.95 -1.93 -2.03
N SER B 22 -26.96 -2.56 -2.68
CA SER B 22 -25.68 -1.90 -3.02
C SER B 22 -25.23 -2.24 -4.44
N LYS B 23 -24.30 -1.41 -4.95
CA LYS B 23 -23.62 -1.66 -6.25
C LYS B 23 -22.12 -1.73 -6.08
N GLY B 24 -21.47 -2.56 -6.88
CA GLY B 24 -20.03 -2.66 -6.77
C GLY B 24 -19.40 -3.13 -8.06
N VAL B 25 -18.10 -2.91 -8.18
CA VAL B 25 -17.34 -3.43 -9.32
C VAL B 25 -16.65 -4.73 -8.91
N PHE B 26 -16.92 -5.78 -9.69
CA PHE B 26 -16.46 -7.13 -9.39
C PHE B 26 -15.39 -7.55 -10.37
N PHE B 27 -14.33 -8.19 -9.85
CA PHE B 27 -13.24 -8.68 -10.68
C PHE B 27 -12.93 -10.13 -10.32
N ARG B 28 -12.60 -10.95 -11.33
CA ARG B 28 -11.83 -12.18 -11.05
C ARG B 28 -10.41 -11.76 -10.73
N LEU B 29 -9.81 -12.41 -9.74
CA LEU B 29 -8.42 -12.15 -9.39
C LEU B 29 -7.55 -12.19 -10.64
N GLN B 30 -7.69 -13.23 -11.45
CA GLN B 30 -6.81 -13.42 -12.61
C GLN B 30 -6.94 -12.34 -13.69
N ASP B 31 -8.04 -11.58 -13.67
CA ASP B 31 -8.23 -10.51 -14.64
C ASP B 31 -7.55 -9.20 -14.23
N LEU B 32 -7.14 -9.09 -12.97
CA LEU B 32 -6.48 -7.88 -12.51
C LEU B 32 -5.09 -7.77 -13.15
N PRO B 33 -4.59 -6.54 -13.33
CA PRO B 33 -3.16 -6.43 -13.67
C PRO B 33 -2.34 -7.18 -12.64
N GLU B 34 -1.23 -7.78 -13.07
CA GLU B 34 -0.43 -8.64 -12.21
C GLU B 34 -0.08 -7.96 -10.89
N ALA B 35 0.33 -6.69 -10.97
CA ALA B 35 0.72 -5.93 -9.79
C ALA B 35 -0.39 -5.91 -8.73
N ALA B 36 -1.64 -5.96 -9.19
CA ALA B 36 -2.79 -5.92 -8.29
C ALA B 36 -3.32 -7.30 -7.87
N GLN B 37 -2.62 -8.36 -8.26
CA GLN B 37 -3.06 -9.73 -7.92
C GLN B 37 -2.63 -10.17 -6.52
N VAL B 38 -1.89 -9.29 -5.83
CA VAL B 38 -1.59 -9.44 -4.41
C VAL B 38 -2.00 -8.16 -3.66
N PRO B 39 -2.31 -8.28 -2.36
CA PRO B 39 -2.64 -7.09 -1.58
C PRO B 39 -1.47 -6.13 -1.50
N GLY B 40 -1.76 -4.85 -1.52
CA GLY B 40 -0.70 -3.85 -1.45
C GLY B 40 -1.09 -2.56 -2.12
N PRO B 41 -0.17 -1.59 -2.12
CA PRO B 41 -0.40 -0.27 -2.68
C PRO B 41 -0.88 -0.30 -4.14
N ALA B 42 -0.35 -1.21 -4.97
CA ALA B 42 -0.72 -1.23 -6.40
C ALA B 42 -2.19 -1.61 -6.55
N ARG B 43 -2.63 -2.58 -5.75
CA ARG B 43 -4.02 -2.97 -5.80
C ARG B 43 -4.93 -1.83 -5.35
N ASP B 44 -4.61 -1.28 -4.18
CA ASP B 44 -5.43 -0.19 -3.63
C ASP B 44 -5.50 1.00 -4.59
N ALA B 45 -4.36 1.35 -5.18
CA ALA B 45 -4.29 2.45 -6.13
C ALA B 45 -5.19 2.22 -7.35
N LEU B 46 -5.20 1.00 -7.87
CA LEU B 46 -6.00 0.63 -9.01
C LEU B 46 -7.49 0.74 -8.64
N LEU B 47 -7.87 0.14 -7.51
CA LEU B 47 -9.28 0.19 -7.09
C LEU B 47 -9.78 1.62 -6.84
N LEU B 48 -8.94 2.44 -6.24
CA LEU B 48 -9.25 3.84 -6.04
C LEU B 48 -9.53 4.54 -7.38
N ARG B 49 -8.69 4.30 -8.39
CA ARG B 49 -8.88 4.94 -9.69
C ARG B 49 -10.12 4.38 -10.41
N VAL B 50 -10.36 3.08 -10.27
CA VAL B 50 -11.58 2.53 -10.89
C VAL B 50 -12.82 3.25 -10.34
N ILE B 51 -12.82 3.45 -9.03
CA ILE B 51 -14.00 4.01 -8.36
C ILE B 51 -14.10 5.53 -8.48
N GLY B 52 -12.95 6.20 -8.64
CA GLY B 52 -12.94 7.67 -8.78
C GLY B 52 -12.50 8.40 -7.50
N SER B 53 -11.69 7.71 -6.70
CA SER B 53 -11.25 8.24 -5.41
C SER B 53 -9.72 8.41 -5.38
N PRO B 54 -9.22 9.22 -4.42
CA PRO B 54 -10.00 10.09 -3.52
C PRO B 54 -10.55 11.27 -4.33
N ASP B 55 -11.75 11.72 -3.98
CA ASP B 55 -12.39 12.80 -4.71
C ASP B 55 -12.73 14.00 -3.83
N PRO B 56 -11.97 15.12 -3.96
CA PRO B 56 -12.25 16.34 -3.20
C PRO B 56 -13.64 16.90 -3.45
N TYR B 57 -14.21 16.59 -4.62
CA TYR B 57 -15.56 17.05 -4.96
C TYR B 57 -16.70 16.24 -4.34
N ALA B 58 -16.36 15.03 -3.89
CA ALA B 58 -17.27 14.08 -3.25
C ALA B 58 -18.43 13.70 -4.16
N LYS B 59 -18.13 13.58 -5.45
CA LYS B 59 -19.16 13.18 -6.45
C LYS B 59 -18.83 11.91 -7.25
N GLN B 60 -17.55 11.53 -7.26
CA GLN B 60 -17.11 10.36 -8.05
C GLN B 60 -17.59 10.39 -9.52
N ILE B 61 -17.52 11.58 -10.11
CA ILE B 61 -17.90 11.75 -11.51
C ILE B 61 -16.78 11.23 -12.44
N ASP B 62 -15.61 10.99 -11.86
CA ASP B 62 -14.47 10.49 -12.63
C ASP B 62 -14.15 9.04 -12.30
N GLY B 63 -15.19 8.24 -12.04
CA GLY B 63 -14.98 6.79 -11.94
C GLY B 63 -16.31 6.09 -11.79
N MET B 64 -16.26 4.84 -11.34
CA MET B 64 -17.44 3.99 -11.28
C MET B 64 -18.26 4.19 -10.02
N GLY B 65 -17.71 4.89 -9.02
CA GLY B 65 -18.41 5.10 -7.75
C GLY B 65 -19.64 5.97 -7.92
N GLY B 66 -20.52 5.93 -6.91
CA GLY B 66 -21.72 6.74 -6.93
C GLY B 66 -21.74 7.73 -5.77
N ALA B 67 -20.60 7.93 -5.13
CA ALA B 67 -20.45 8.96 -4.08
C ALA B 67 -21.24 8.66 -2.80
N THR B 68 -21.54 7.37 -2.58
CA THR B 68 -22.10 6.90 -1.31
C THR B 68 -21.42 5.61 -0.89
N SER B 69 -21.54 5.28 0.40
CA SER B 69 -21.00 4.03 0.88
C SER B 69 -21.57 2.81 0.15
N SER B 70 -22.81 2.91 -0.32
CA SER B 70 -23.50 1.81 -1.00
C SER B 70 -23.11 1.66 -2.46
N THR B 71 -22.25 2.56 -2.94
CA THR B 71 -21.89 2.59 -4.36
C THR B 71 -20.39 2.81 -4.57
N SER B 72 -19.62 2.82 -3.50
CA SER B 72 -18.17 3.01 -3.61
C SER B 72 -17.44 1.74 -3.17
N LYS B 73 -17.54 0.71 -4.01
CA LYS B 73 -17.29 -0.65 -3.55
C LYS B 73 -16.62 -1.50 -4.60
N THR B 74 -15.67 -2.35 -4.18
CA THR B 74 -15.01 -3.29 -5.09
C THR B 74 -14.94 -4.67 -4.47
N VAL B 75 -14.91 -5.68 -5.34
CA VAL B 75 -14.91 -7.08 -4.93
C VAL B 75 -13.95 -7.86 -5.80
N ILE B 76 -13.11 -8.68 -5.16
CA ILE B 76 -12.13 -9.53 -5.86
C ILE B 76 -12.48 -10.99 -5.52
N LEU B 77 -12.80 -11.75 -6.55
CA LEU B 77 -13.20 -13.16 -6.40
C LEU B 77 -12.25 -14.09 -7.12
N SER B 78 -12.09 -15.30 -6.57
CA SER B 78 -11.26 -16.33 -7.17
C SER B 78 -11.74 -17.69 -6.73
N HIS B 79 -11.35 -18.71 -7.47
CA HIS B 79 -11.68 -20.06 -7.05
C HIS B 79 -10.93 -20.36 -5.75
N SER B 80 -11.59 -20.93 -4.75
CA SER B 80 -10.94 -21.21 -3.47
C SER B 80 -10.15 -22.51 -3.49
N SER B 81 -8.97 -22.51 -2.86
CA SER B 81 -8.24 -23.75 -2.63
C SER B 81 -8.51 -24.29 -1.24
N LYS B 82 -9.37 -23.61 -0.48
CA LYS B 82 -9.72 -24.02 0.89
C LYS B 82 -10.66 -25.21 0.83
N ALA B 83 -10.40 -26.20 1.69
CA ALA B 83 -11.32 -27.31 1.83
C ALA B 83 -12.71 -26.77 2.10
N ASN B 84 -13.69 -27.39 1.43
CA ASN B 84 -15.11 -27.14 1.63
C ASN B 84 -15.58 -25.75 1.22
N HIS B 85 -14.84 -25.10 0.32
CA HIS B 85 -15.26 -23.79 -0.20
C HIS B 85 -15.07 -23.73 -1.70
N ASP B 86 -15.95 -22.98 -2.36
CA ASP B 86 -15.92 -22.81 -3.81
C ASP B 86 -15.20 -21.55 -4.24
N VAL B 87 -15.48 -20.46 -3.53
CA VAL B 87 -15.03 -19.15 -3.96
C VAL B 87 -14.48 -18.34 -2.79
N ASP B 88 -13.36 -17.69 -3.05
CA ASP B 88 -12.75 -16.78 -2.10
CA ASP B 88 -12.75 -16.79 -2.10
C ASP B 88 -13.24 -15.38 -2.39
N TYR B 89 -13.70 -14.70 -1.35
CA TYR B 89 -14.34 -13.40 -1.51
C TYR B 89 -13.64 -12.33 -0.69
N LEU B 90 -13.06 -11.35 -1.41
CA LEU B 90 -12.38 -10.24 -0.79
C LEU B 90 -13.14 -8.96 -1.11
N PHE B 91 -13.53 -8.23 -0.06
CA PHE B 91 -14.30 -7.02 -0.23
C PHE B 91 -13.51 -5.78 0.17
N GLY B 92 -13.53 -4.77 -0.70
CA GLY B 92 -12.85 -3.50 -0.45
C GLY B 92 -13.81 -2.33 -0.46
N GLN B 93 -13.97 -1.70 0.70
CA GLN B 93 -14.81 -0.51 0.83
C GLN B 93 -13.95 0.70 0.51
N VAL B 94 -14.25 1.35 -0.61
CA VAL B 94 -13.38 2.41 -1.12
C VAL B 94 -13.77 3.78 -0.56
N SER B 95 -12.84 4.45 0.11
CA SER B 95 -13.16 5.77 0.69
C SER B 95 -13.52 6.76 -0.42
N ILE B 96 -14.48 7.65 -0.16
CA ILE B 96 -14.77 8.68 -1.13
C ILE B 96 -13.71 9.79 -1.10
N ASP B 97 -13.29 10.18 0.09
CA ASP B 97 -12.49 11.39 0.26
C ASP B 97 -11.01 11.17 0.52
N LYS B 98 -10.64 9.95 0.90
CA LYS B 98 -9.25 9.64 1.27
C LYS B 98 -8.69 8.50 0.40
N PRO B 99 -7.35 8.45 0.23
CA PRO B 99 -6.75 7.42 -0.62
C PRO B 99 -6.63 6.11 0.13
N PHE B 100 -7.78 5.52 0.46
CA PHE B 100 -7.85 4.36 1.32
C PHE B 100 -8.91 3.39 0.82
N VAL B 101 -8.53 2.12 0.78
CA VAL B 101 -9.49 1.00 0.60
C VAL B 101 -9.50 0.22 1.91
N ASP B 102 -10.70 0.01 2.46
CA ASP B 102 -10.86 -0.61 3.78
C ASP B 102 -11.17 -2.07 3.60
N TRP B 103 -10.28 -2.92 4.12
CA TRP B 103 -10.39 -4.35 3.93
C TRP B 103 -10.82 -5.07 5.23
N SER B 104 -11.28 -4.30 6.22
CA SER B 104 -11.54 -4.84 7.55
C SER B 104 -12.85 -5.60 7.70
N GLY B 105 -13.70 -5.56 6.68
CA GLY B 105 -15.03 -6.15 6.82
C GLY B 105 -15.59 -6.82 5.58
N ASN B 106 -16.73 -7.47 5.77
CA ASN B 106 -17.53 -8.04 4.69
C ASN B 106 -18.56 -7.03 4.18
N CYS B 107 -19.05 -7.23 2.97
CA CYS B 107 -20.29 -6.59 2.54
C CYS B 107 -21.37 -7.66 2.45
N GLY B 108 -22.37 -7.55 3.34
CA GLY B 108 -23.48 -8.49 3.39
C GLY B 108 -24.45 -8.33 2.23
N ASN B 109 -24.52 -7.14 1.64
CA ASN B 109 -25.38 -6.94 0.48
C ASN B 109 -24.77 -7.48 -0.81
N LEU B 110 -23.50 -7.15 -1.04
CA LEU B 110 -22.83 -7.68 -2.24
C LEU B 110 -22.60 -9.19 -2.16
N THR B 111 -22.63 -9.73 -0.94
CA THR B 111 -22.60 -11.18 -0.75
C THR B 111 -23.56 -11.91 -1.73
N ALA B 112 -24.74 -11.32 -1.93
CA ALA B 112 -25.73 -11.85 -2.82
C ALA B 112 -25.24 -12.02 -4.26
N ALA B 113 -24.45 -11.06 -4.73
CA ALA B 113 -23.91 -11.07 -6.08
C ALA B 113 -22.66 -11.95 -6.23
N VAL B 114 -21.98 -12.21 -5.11
CA VAL B 114 -20.78 -13.03 -5.17
C VAL B 114 -21.09 -14.43 -5.74
N GLY B 115 -22.15 -15.06 -5.22
CA GLY B 115 -22.54 -16.40 -5.69
C GLY B 115 -22.82 -16.41 -7.19
N ALA B 116 -23.59 -15.41 -7.63
CA ALA B 116 -23.92 -15.31 -9.06
C ALA B 116 -22.69 -15.09 -9.91
N PHE B 117 -21.81 -14.16 -9.50
CA PHE B 117 -20.61 -13.88 -10.26
C PHE B 117 -19.77 -15.14 -10.38
N ALA B 118 -19.66 -15.89 -9.28
CA ALA B 118 -18.80 -17.10 -9.24
C ALA B 118 -19.30 -18.13 -10.25
N ILE B 119 -20.60 -18.36 -10.27
CA ILE B 119 -21.21 -19.28 -11.23
C ILE B 119 -20.97 -18.82 -12.66
N SER B 120 -21.23 -17.54 -12.88
CA SER B 120 -21.17 -16.95 -14.22
C SER B 120 -19.76 -16.85 -14.80
N ASN B 121 -18.77 -16.92 -13.91
CA ASN B 121 -17.39 -16.70 -14.30
C ASN B 121 -16.42 -17.84 -14.04
N GLY B 122 -16.96 -19.06 -13.92
CA GLY B 122 -16.16 -20.29 -13.85
C GLY B 122 -15.41 -20.52 -12.56
N LEU B 123 -15.85 -19.88 -11.48
CA LEU B 123 -15.13 -20.00 -10.20
C LEU B 123 -15.65 -21.14 -9.35
N ILE B 124 -16.72 -21.78 -9.81
CA ILE B 124 -17.25 -22.98 -9.18
C ILE B 124 -17.18 -24.15 -10.17
N ASP B 125 -16.77 -25.31 -9.67
CA ASP B 125 -16.74 -26.55 -10.44
C ASP B 125 -18.09 -26.74 -11.14
N ALA B 126 -18.07 -26.92 -12.47
CA ALA B 126 -19.31 -27.07 -13.25
C ALA B 126 -20.16 -28.25 -12.74
N ALA B 127 -19.48 -29.27 -12.23
CA ALA B 127 -20.13 -30.46 -11.67
C ALA B 127 -21.12 -30.13 -10.55
N ARG B 128 -20.88 -29.01 -9.87
CA ARG B 128 -21.70 -28.58 -8.73
C ARG B 128 -22.88 -27.69 -9.12
N ILE B 129 -22.98 -27.37 -10.41
CA ILE B 129 -24.05 -26.52 -10.90
C ILE B 129 -25.12 -27.38 -11.56
N PRO B 130 -26.36 -27.37 -11.02
CA PRO B 130 -27.45 -28.09 -11.67
C PRO B 130 -27.81 -27.38 -12.98
N ARG B 131 -28.43 -28.11 -13.90
CA ARG B 131 -28.87 -27.51 -15.15
C ARG B 131 -30.04 -26.58 -14.90
N ASN B 132 -30.93 -26.98 -14.00
CA ASN B 132 -32.09 -26.21 -13.56
C ASN B 132 -32.28 -26.51 -12.09
N GLY B 133 -32.31 -25.47 -11.28
CA GLY B 133 -32.55 -25.67 -9.86
C GLY B 133 -31.86 -24.59 -9.07
N VAL B 134 -31.14 -25.00 -8.04
CA VAL B 134 -30.48 -24.04 -7.15
C VAL B 134 -29.06 -24.52 -6.91
N CYS B 135 -28.09 -23.65 -7.19
CA CYS B 135 -26.68 -23.96 -6.97
C CYS B 135 -26.26 -23.41 -5.61
N THR B 136 -25.82 -24.30 -4.74
CA THR B 136 -25.34 -23.89 -3.43
C THR B 136 -23.86 -23.52 -3.53
N VAL B 137 -23.57 -22.24 -3.38
CA VAL B 137 -22.19 -21.75 -3.46
C VAL B 137 -21.61 -21.53 -2.06
N ARG B 138 -20.47 -22.17 -1.79
CA ARG B 138 -19.77 -22.06 -0.51
C ARG B 138 -18.71 -20.98 -0.62
N ILE B 139 -18.94 -19.88 0.09
CA ILE B 139 -18.11 -18.68 -0.04
C ILE B 139 -17.21 -18.59 1.19
N TRP B 140 -15.91 -18.46 0.96
CA TRP B 140 -14.99 -18.09 2.01
C TRP B 140 -14.87 -16.58 1.99
N GLN B 141 -15.37 -15.96 3.04
CA GLN B 141 -15.27 -14.52 3.22
C GLN B 141 -13.89 -14.27 3.80
N ALA B 142 -12.99 -13.72 2.96
CA ALA B 142 -11.56 -13.67 3.31
C ALA B 142 -11.19 -12.51 4.19
N ASN B 143 -12.02 -11.47 4.23
CA ASN B 143 -11.80 -10.31 5.10
C ASN B 143 -11.95 -10.70 6.56
N ILE B 144 -12.95 -11.55 6.83
CA ILE B 144 -13.30 -11.89 8.21
C ILE B 144 -13.13 -13.35 8.59
N GLY B 145 -12.73 -14.19 7.61
CA GLY B 145 -12.50 -15.62 7.83
C GLY B 145 -13.76 -16.34 8.28
N LYS B 146 -14.82 -16.20 7.47
CA LYS B 146 -16.11 -16.83 7.77
C LYS B 146 -16.67 -17.49 6.52
N THR B 147 -17.43 -18.56 6.74
CA THR B 147 -18.13 -19.22 5.65
C THR B 147 -19.51 -18.57 5.46
N ILE B 148 -19.86 -18.29 4.21
CA ILE B 148 -21.21 -17.82 3.86
C ILE B 148 -21.72 -18.69 2.73
N ILE B 149 -22.96 -19.15 2.83
CA ILE B 149 -23.53 -20.01 1.79
C ILE B 149 -24.58 -19.22 1.02
N ALA B 150 -24.48 -19.24 -0.32
CA ALA B 150 -25.46 -18.56 -1.18
C ALA B 150 -26.14 -19.59 -2.07
N HIS B 151 -27.46 -19.53 -2.13
CA HIS B 151 -28.28 -20.46 -2.91
C HIS B 151 -28.78 -19.66 -4.09
N VAL B 152 -28.17 -19.89 -5.26
CA VAL B 152 -28.42 -19.09 -6.45
C VAL B 152 -29.24 -19.91 -7.44
N PRO B 153 -30.38 -19.37 -7.89
CA PRO B 153 -31.20 -20.15 -8.82
C PRO B 153 -30.56 -20.23 -10.20
N ILE B 154 -30.74 -21.39 -10.84
CA ILE B 154 -30.15 -21.71 -12.15
C ILE B 154 -31.26 -22.10 -13.13
N THR B 155 -31.17 -21.56 -14.35
CA THR B 155 -32.09 -21.90 -15.44
C THR B 155 -31.27 -22.14 -16.71
N ASP B 156 -31.45 -23.30 -17.34
CA ASP B 156 -30.70 -23.67 -18.55
C ASP B 156 -29.20 -23.45 -18.36
N GLY B 157 -28.71 -23.78 -17.17
CA GLY B 157 -27.25 -23.78 -16.90
C GLY B 157 -26.67 -22.40 -16.62
N ALA B 158 -27.53 -21.37 -16.63
CA ALA B 158 -27.07 -20.01 -16.36
C ALA B 158 -27.77 -19.48 -15.11
N VAL B 159 -27.20 -18.45 -14.50
CA VAL B 159 -27.82 -17.84 -13.33
C VAL B 159 -29.15 -17.24 -13.75
N GLN B 160 -30.18 -17.54 -12.97
CA GLN B 160 -31.48 -16.90 -13.12
C GLN B 160 -31.42 -15.61 -12.34
N GLU B 161 -31.31 -14.49 -13.07
CA GLU B 161 -31.21 -13.18 -12.47
C GLU B 161 -32.57 -12.57 -12.20
N THR B 162 -33.46 -12.69 -13.19
CA THR B 162 -34.76 -11.99 -13.14
C THR B 162 -35.76 -12.79 -12.31
N GLY B 163 -36.79 -12.10 -11.82
CA GLY B 163 -37.76 -12.76 -10.91
C GLY B 163 -38.68 -11.75 -10.26
N ASP B 164 -39.54 -12.23 -9.37
CA ASP B 164 -40.55 -11.38 -8.74
C ASP B 164 -40.30 -11.17 -7.25
N PHE B 165 -39.10 -11.49 -6.78
CA PHE B 165 -38.78 -11.30 -5.36
C PHE B 165 -38.39 -9.86 -5.06
N GLU B 166 -39.05 -9.30 -4.06
CA GLU B 166 -38.90 -7.89 -3.72
C GLU B 166 -38.05 -7.74 -2.46
N LEU B 167 -37.13 -6.77 -2.50
CA LEU B 167 -36.32 -6.38 -1.36
C LEU B 167 -36.57 -4.89 -1.19
N ASP B 168 -36.91 -4.50 0.04
CA ASP B 168 -37.08 -3.07 0.31
C ASP B 168 -35.73 -2.37 0.18
N GLY B 169 -35.69 -1.34 -0.64
CA GLY B 169 -34.44 -0.69 -1.01
C GLY B 169 -33.92 -1.09 -2.39
N VAL B 170 -34.52 -2.14 -2.96
CA VAL B 170 -34.24 -2.49 -4.37
C VAL B 170 -35.42 -2.08 -5.26
N THR B 171 -35.14 -1.22 -6.24
CA THR B 171 -36.23 -0.63 -7.03
C THR B 171 -37.13 -1.66 -7.70
N PHE B 172 -36.50 -2.62 -8.40
CA PHE B 172 -37.23 -3.63 -9.17
C PHE B 172 -37.03 -5.05 -8.63
N PRO B 173 -38.05 -5.89 -8.76
CA PRO B 173 -37.92 -7.24 -8.25
C PRO B 173 -36.94 -8.05 -9.12
N ALA B 174 -36.42 -9.13 -8.56
CA ALA B 174 -35.44 -9.97 -9.21
C ALA B 174 -35.54 -11.36 -8.58
N ALA B 175 -34.71 -12.30 -9.04
CA ALA B 175 -34.76 -13.65 -8.42
C ALA B 175 -34.30 -13.63 -6.97
N GLU B 176 -34.97 -14.41 -6.13
CA GLU B 176 -34.57 -14.53 -4.73
C GLU B 176 -33.25 -15.29 -4.63
N VAL B 177 -32.32 -14.74 -3.83
CA VAL B 177 -31.07 -15.42 -3.47
C VAL B 177 -31.03 -15.57 -1.95
N GLN B 178 -31.14 -16.82 -1.49
CA GLN B 178 -31.07 -17.12 -0.05
C GLN B 178 -29.63 -17.21 0.41
N ILE B 179 -29.33 -16.51 1.50
CA ILE B 179 -27.98 -16.39 2.05
CA ILE B 179 -27.97 -16.46 2.03
C ILE B 179 -27.94 -16.94 3.47
N GLU B 180 -26.86 -17.67 3.81
CA GLU B 180 -26.65 -18.21 5.15
CA GLU B 180 -26.66 -18.20 5.15
C GLU B 180 -25.28 -17.78 5.65
N PHE B 181 -25.26 -16.98 6.71
CA PHE B 181 -24.01 -16.57 7.34
C PHE B 181 -23.72 -17.56 8.45
N MET B 182 -22.76 -18.44 8.20
CA MET B 182 -22.47 -19.55 9.11
C MET B 182 -21.64 -19.08 10.28
N ASN B 183 -22.00 -19.58 11.47
CA ASN B 183 -21.27 -19.28 12.70
C ASN B 183 -20.87 -17.80 12.77
N PRO B 184 -21.85 -16.88 12.73
CA PRO B 184 -21.49 -15.46 12.60
C PRO B 184 -20.71 -14.87 13.75
N ALA B 185 -20.86 -15.42 14.96
CA ALA B 185 -20.10 -14.90 16.12
C ALA B 185 -18.61 -14.96 15.87
N ALA B 186 -17.91 -13.85 16.14
CA ALA B 186 -16.45 -13.80 15.93
C ALA B 186 -15.77 -14.87 16.78
N ASP B 187 -14.66 -15.43 16.28
CA ASP B 187 -13.91 -16.46 16.99
C ASP B 187 -13.04 -15.86 18.10
N CYS B 194 -15.19 -13.16 20.41
CA CYS B 194 -16.46 -13.82 20.70
C CYS B 194 -17.67 -12.95 20.35
N MET B 195 -18.85 -13.49 20.61
CA MET B 195 -20.08 -12.77 20.34
CA MET B 195 -20.10 -12.78 20.37
C MET B 195 -20.14 -11.43 21.09
N PHE B 196 -19.83 -11.45 22.39
CA PHE B 196 -19.87 -10.23 23.20
C PHE B 196 -18.47 -9.97 23.79
N PRO B 197 -17.64 -9.18 23.06
CA PRO B 197 -16.23 -8.98 23.46
C PRO B 197 -16.06 -8.46 24.90
N THR B 198 -17.03 -7.70 25.40
CA THR B 198 -17.01 -7.21 26.78
C THR B 198 -17.42 -8.26 27.81
N GLY B 199 -18.04 -9.33 27.34
CA GLY B 199 -18.58 -10.38 28.23
C GLY B 199 -19.98 -10.10 28.73
N ASN B 200 -20.52 -8.94 28.40
CA ASN B 200 -21.84 -8.52 28.85
C ASN B 200 -22.81 -8.29 27.69
N LEU B 201 -24.09 -8.58 27.93
CA LEU B 201 -25.16 -8.34 26.96
C LEU B 201 -25.41 -6.85 26.75
N VAL B 202 -25.21 -6.06 27.82
CA VAL B 202 -25.41 -4.60 27.83
C VAL B 202 -24.29 -3.96 28.69
N ASP B 203 -23.62 -2.93 28.16
CA ASP B 203 -22.56 -2.22 28.89
C ASP B 203 -22.83 -0.74 28.99
N VAL B 204 -22.15 -0.09 29.94
CA VAL B 204 -22.12 1.37 30.03
C VAL B 204 -20.73 1.89 29.62
C PHE B 213 -24.79 3.67 27.22
N ASN B 214 -25.77 3.06 27.88
CA ASN B 214 -26.11 1.65 27.66
C ASN B 214 -26.00 1.25 26.20
N ALA B 215 -25.24 0.20 25.96
CA ALA B 215 -24.97 -0.26 24.61
C ALA B 215 -24.79 -1.76 24.60
N THR B 216 -25.38 -2.42 23.61
CA THR B 216 -25.01 -3.81 23.32
C THR B 216 -23.95 -3.79 22.23
N MET B 217 -22.79 -4.34 22.55
CA MET B 217 -21.70 -4.49 21.60
C MET B 217 -21.55 -5.97 21.23
N ILE B 218 -21.77 -6.26 19.96
CA ILE B 218 -21.80 -7.61 19.46
C ILE B 218 -20.92 -7.71 18.22
N ASN B 219 -20.17 -8.81 18.15
CA ASN B 219 -19.36 -9.15 16.99
C ASN B 219 -20.01 -10.34 16.25
N ALA B 220 -20.92 -10.01 15.35
CA ALA B 220 -21.67 -11.00 14.57
C ALA B 220 -22.05 -10.35 13.24
N GLY B 221 -21.51 -10.86 12.14
CA GLY B 221 -21.65 -10.21 10.83
C GLY B 221 -20.63 -9.10 10.63
N ILE B 222 -20.62 -8.16 11.59
CA ILE B 222 -19.65 -7.06 11.66
C ILE B 222 -19.71 -6.56 13.12
N PRO B 223 -18.59 -6.11 13.71
CA PRO B 223 -18.75 -5.57 15.08
C PRO B 223 -19.70 -4.38 15.08
N THR B 224 -20.72 -4.43 15.94
CA THR B 224 -21.79 -3.43 15.93
C THR B 224 -22.10 -2.96 17.34
N ILE B 225 -22.25 -1.64 17.48
CA ILE B 225 -22.68 -1.01 18.72
C ILE B 225 -24.16 -0.63 18.57
N PHE B 226 -25.00 -1.19 19.45
CA PHE B 226 -26.42 -0.85 19.45
C PHE B 226 -26.79 -0.01 20.66
N ILE B 227 -27.49 1.08 20.41
CA ILE B 227 -27.91 1.99 21.48
C ILE B 227 -29.42 2.25 21.31
N ASN B 228 -30.12 2.56 22.40
CA ASN B 228 -31.54 2.89 22.32
C ASN B 228 -31.74 4.26 21.67
N ALA B 229 -32.67 4.33 20.72
CA ALA B 229 -32.96 5.59 20.01
C ALA B 229 -33.21 6.75 20.95
N GLU B 230 -34.07 6.50 21.94
CA GLU B 230 -34.49 7.50 22.93
C GLU B 230 -33.29 8.14 23.66
N ASP B 231 -32.25 7.34 23.92
CA ASP B 231 -31.04 7.81 24.62
C ASP B 231 -30.10 8.71 23.81
N LEU B 232 -30.20 8.64 22.47
CA LEU B 232 -29.40 9.49 21.59
C LEU B 232 -30.21 10.69 21.10
N GLY B 233 -31.46 10.77 21.54
CA GLY B 233 -32.33 11.88 21.18
C GLY B 233 -33.20 11.66 19.95
N TYR B 234 -33.40 10.39 19.57
CA TYR B 234 -34.17 10.02 18.37
C TYR B 234 -35.34 9.05 18.64
N THR B 235 -36.19 8.80 17.64
CA THR B 235 -37.38 7.92 17.79
C THR B 235 -37.26 6.52 17.12
N GLY B 236 -36.36 6.41 16.14
CA GLY B 236 -36.21 5.16 15.39
C GLY B 236 -36.93 5.18 14.06
N THR B 237 -37.74 6.22 13.82
CA THR B 237 -38.42 6.38 12.53
C THR B 237 -37.70 7.32 11.58
N GLU B 238 -36.54 7.82 12.01
CA GLU B 238 -35.83 8.85 11.25
C GLU B 238 -35.51 8.36 9.84
N LEU B 239 -35.53 9.30 8.89
CA LEU B 239 -35.03 9.09 7.54
C LEU B 239 -33.72 9.88 7.40
N GLN B 240 -33.02 9.67 6.30
CA GLN B 240 -31.70 10.28 6.13
C GLN B 240 -31.66 11.79 6.38
N ASP B 241 -32.64 12.51 5.85
CA ASP B 241 -32.66 13.98 5.97
C ASP B 241 -32.84 14.49 7.41
N ASP B 242 -33.20 13.59 8.33
CA ASP B 242 -33.32 13.95 9.75
C ASP B 242 -31.97 13.96 10.47
N ILE B 243 -30.95 13.37 9.87
CA ILE B 243 -29.65 13.21 10.52
C ILE B 243 -28.49 13.73 9.67
N ASN B 244 -28.55 13.50 8.36
CA ASN B 244 -27.36 13.59 7.52
C ASN B 244 -26.85 15.00 7.19
N SER B 245 -27.65 16.00 7.56
CA SER B 245 -27.27 17.40 7.39
C SER B 245 -26.97 18.04 8.74
N ASP B 246 -26.80 17.20 9.76
CA ASP B 246 -26.65 17.65 11.12
C ASP B 246 -25.25 17.33 11.67
N LYS B 281 -19.65 -0.70 13.45
CA LYS B 281 -20.82 0.09 13.09
C LYS B 281 -21.55 0.57 14.34
N ILE B 282 -22.22 1.71 14.24
CA ILE B 282 -23.15 2.16 15.28
C ILE B 282 -24.59 2.20 14.76
N ALA B 283 -25.52 1.73 15.58
CA ALA B 283 -26.93 1.67 15.23
C ALA B 283 -27.79 1.98 16.44
N PHE B 284 -29.00 2.47 16.18
CA PHE B 284 -29.93 2.72 17.25
C PHE B 284 -31.25 1.99 17.01
N VAL B 285 -31.87 1.58 18.11
CA VAL B 285 -33.00 0.67 18.09
C VAL B 285 -34.21 1.27 18.83
N ALA B 286 -35.39 0.88 18.40
CA ALA B 286 -36.62 1.29 19.06
C ALA B 286 -37.65 0.20 18.90
N PRO B 287 -38.66 0.19 19.79
CA PRO B 287 -39.85 -0.65 19.61
C PRO B 287 -40.56 -0.25 18.32
N PRO B 288 -41.44 -1.13 17.80
CA PRO B 288 -42.24 -0.82 16.61
C PRO B 288 -43.01 0.51 16.68
N LYS B 289 -42.95 1.26 15.59
CA LYS B 289 -43.70 2.49 15.41
C LYS B 289 -43.92 2.69 13.91
N SER B 290 -45.08 3.23 13.54
CA SER B 290 -45.44 3.39 12.13
C SER B 290 -44.71 4.57 11.54
N TYR B 291 -44.32 4.47 10.26
CA TYR B 291 -43.65 5.58 9.60
C TYR B 291 -43.76 5.44 8.08
N ALA B 292 -43.62 6.57 7.38
CA ALA B 292 -43.45 6.57 5.93
C ALA B 292 -41.99 6.27 5.64
N SER B 293 -41.74 5.24 4.83
CA SER B 293 -40.37 4.93 4.42
C SER B 293 -39.90 5.91 3.35
N SER B 294 -38.62 5.82 2.98
CA SER B 294 -38.04 6.69 1.95
C SER B 294 -38.73 6.57 0.59
N SER B 295 -39.47 5.49 0.37
CA SER B 295 -40.21 5.30 -0.89
C SER B 295 -41.62 5.88 -0.83
N GLY B 296 -42.03 6.32 0.36
CA GLY B 296 -43.40 6.82 0.57
C GLY B 296 -44.37 5.76 1.06
N LYS B 297 -43.92 4.51 1.11
CA LYS B 297 -44.76 3.41 1.58
C LYS B 297 -44.81 3.43 3.10
N THR B 298 -45.99 3.22 3.67
CA THR B 298 -46.15 3.19 5.12
C THR B 298 -45.67 1.86 5.67
N VAL B 299 -44.72 1.91 6.61
CA VAL B 299 -44.37 0.73 7.39
C VAL B 299 -45.21 0.83 8.67
N ALA B 300 -46.17 -0.07 8.83
CA ALA B 300 -47.04 -0.06 10.01
C ALA B 300 -46.32 -0.72 11.18
N ALA B 301 -46.65 -0.29 12.40
CA ALA B 301 -45.98 -0.85 13.58
C ALA B 301 -46.18 -2.36 13.68
N GLU B 302 -47.38 -2.82 13.32
CA GLU B 302 -47.72 -4.24 13.27
C GLU B 302 -46.84 -5.04 12.30
N ASP B 303 -46.24 -4.35 11.33
CA ASP B 303 -45.44 -5.03 10.29
C ASP B 303 -44.05 -5.44 10.79
N VAL B 304 -43.63 -4.89 11.93
CA VAL B 304 -42.25 -5.09 12.40
C VAL B 304 -42.17 -5.49 13.87
N ASP B 305 -41.05 -6.12 14.23
CA ASP B 305 -40.76 -6.47 15.63
C ASP B 305 -39.99 -5.35 16.35
N LEU B 306 -39.27 -4.56 15.57
CA LEU B 306 -38.51 -3.42 16.08
C LEU B 306 -38.09 -2.53 14.93
N LEU B 307 -37.56 -1.36 15.29
CA LEU B 307 -36.98 -0.42 14.35
C LEU B 307 -35.47 -0.38 14.56
N VAL B 308 -34.73 -0.34 13.46
CA VAL B 308 -33.28 -0.18 13.54
C VAL B 308 -32.81 0.80 12.48
N ARG B 309 -32.02 1.77 12.91
CA ARG B 309 -31.36 2.69 12.00
C ARG B 309 -29.87 2.54 12.23
N ALA B 310 -29.08 2.58 11.16
CA ALA B 310 -27.63 2.42 11.34
C ALA B 310 -26.87 3.50 10.61
N LEU B 311 -25.70 3.85 11.15
CA LEU B 311 -24.79 4.73 10.44
C LEU B 311 -23.75 3.93 9.66
N LYS B 315 -22.60 8.47 7.95
CA LYS B 315 -23.90 8.93 7.46
C LYS B 315 -24.98 7.91 7.84
N LEU B 316 -26.21 8.36 8.13
CA LEU B 316 -27.34 7.43 8.35
C LEU B 316 -27.52 6.66 7.05
N HIS B 317 -27.49 5.33 7.15
CA HIS B 317 -27.57 4.42 6.00
C HIS B 317 -28.98 4.49 5.43
N HIS B 318 -29.06 4.40 4.09
CA HIS B 318 -30.35 4.53 3.38
C HIS B 318 -31.34 3.36 3.61
N ALA B 319 -30.79 2.24 4.04
CA ALA B 319 -31.58 1.04 4.29
C ALA B 319 -30.98 0.30 5.49
N MET B 320 -30.45 -0.90 5.30
CA MET B 320 -29.62 -1.52 6.33
C MET B 320 -28.49 -2.33 5.71
N MET B 321 -27.30 -2.15 6.26
CA MET B 321 -26.14 -2.95 5.86
C MET B 321 -26.45 -4.44 6.10
N GLY B 322 -25.99 -5.28 5.19
CA GLY B 322 -26.24 -6.70 5.26
C GLY B 322 -25.57 -7.33 6.47
N THR B 323 -24.35 -6.91 6.74
CA THR B 323 -23.65 -7.34 7.97
C THR B 323 -24.39 -6.90 9.24
N ALA B 324 -24.89 -5.66 9.26
CA ALA B 324 -25.68 -5.18 10.41
C ALA B 324 -26.97 -5.96 10.57
N ALA B 325 -27.58 -6.38 9.47
CA ALA B 325 -28.78 -7.23 9.57
C ALA B 325 -28.44 -8.56 10.27
N VAL B 326 -27.25 -9.11 9.98
CA VAL B 326 -26.76 -10.29 10.74
C VAL B 326 -26.64 -9.97 12.25
N ALA B 327 -26.06 -8.82 12.57
CA ALA B 327 -25.87 -8.42 13.97
C ALA B 327 -27.24 -8.27 14.66
N ILE B 328 -28.19 -7.67 13.95
CA ILE B 328 -29.54 -7.47 14.48
C ILE B 328 -30.23 -8.80 14.74
N GLY B 329 -30.21 -9.71 13.77
CA GLY B 329 -30.87 -11.01 13.96
C GLY B 329 -30.24 -11.79 15.10
N THR B 330 -28.90 -11.75 15.16
CA THR B 330 -28.16 -12.51 16.13
C THR B 330 -28.44 -11.93 17.52
N ALA B 331 -28.36 -10.61 17.66
CA ALA B 331 -28.58 -9.97 18.95
C ALA B 331 -30.02 -10.17 19.42
N ALA B 332 -30.97 -10.13 18.48
CA ALA B 332 -32.39 -10.31 18.82
C ALA B 332 -32.66 -11.67 19.47
N ALA B 333 -31.85 -12.66 19.10
CA ALA B 333 -32.01 -14.05 19.52
C ALA B 333 -31.44 -14.30 20.91
N ILE B 334 -30.67 -13.35 21.41
CA ILE B 334 -30.07 -13.48 22.74
C ILE B 334 -30.87 -12.64 23.74
N PRO B 335 -31.67 -13.30 24.59
CA PRO B 335 -32.52 -12.58 25.55
C PRO B 335 -31.71 -11.59 26.38
N GLY B 336 -32.15 -10.33 26.40
CA GLY B 336 -31.46 -9.32 27.20
C GLY B 336 -30.61 -8.29 26.49
N THR B 337 -30.28 -8.53 25.21
CA THR B 337 -29.57 -7.48 24.46
C THR B 337 -30.52 -6.33 24.22
N LEU B 338 -29.98 -5.13 23.94
CA LEU B 338 -30.85 -3.99 23.63
C LEU B 338 -31.73 -4.28 22.42
N VAL B 339 -31.22 -5.07 21.48
CA VAL B 339 -31.97 -5.45 20.27
C VAL B 339 -33.14 -6.35 20.68
N ASN B 340 -32.83 -7.35 21.51
CA ASN B 340 -33.86 -8.26 21.99
C ASN B 340 -34.95 -7.51 22.77
N LEU B 341 -34.51 -6.59 23.62
CA LEU B 341 -35.46 -5.81 24.43
C LEU B 341 -36.34 -4.88 23.59
N ALA B 342 -35.76 -4.23 22.56
CA ALA B 342 -36.53 -3.40 21.63
C ALA B 342 -37.66 -4.19 20.96
N ALA B 343 -37.41 -5.48 20.75
CA ALA B 343 -38.39 -6.38 20.14
C ALA B 343 -39.28 -7.09 21.19
N GLY B 344 -39.27 -6.59 22.42
CA GLY B 344 -40.21 -7.03 23.43
C GLY B 344 -39.73 -8.20 24.28
N GLY B 345 -38.45 -8.56 24.14
CA GLY B 345 -37.83 -9.58 24.99
C GLY B 345 -38.35 -10.98 24.73
N GLY B 346 -37.82 -11.94 25.48
CA GLY B 346 -38.13 -13.35 25.26
C GLY B 346 -37.31 -13.98 24.15
N GLU B 347 -37.51 -15.29 23.95
CA GLU B 347 -36.82 -16.02 22.89
C GLU B 347 -37.37 -15.67 21.51
N LYS B 348 -36.45 -15.53 20.55
CA LYS B 348 -36.80 -15.09 19.20
C LYS B 348 -35.89 -15.85 18.27
N GLU B 349 -36.47 -16.50 17.26
CA GLU B 349 -35.68 -17.21 16.24
C GLU B 349 -35.52 -16.38 14.95
N ALA B 350 -36.27 -15.29 14.88
CA ALA B 350 -36.23 -14.38 13.73
C ALA B 350 -36.83 -13.07 14.16
N VAL B 351 -36.44 -11.99 13.47
CA VAL B 351 -37.08 -10.68 13.64
C VAL B 351 -37.21 -10.02 12.28
N ARG B 352 -38.29 -9.26 12.13
CA ARG B 352 -38.42 -8.30 11.03
C ARG B 352 -38.16 -6.94 11.62
N PHE B 353 -37.22 -6.18 11.05
CA PHE B 353 -37.02 -4.83 11.52
C PHE B 353 -37.33 -3.79 10.48
N GLY B 354 -37.68 -2.60 10.97
CA GLY B 354 -37.95 -1.46 10.10
C GLY B 354 -36.74 -0.55 9.99
N HIS B 355 -36.29 -0.35 8.76
CA HIS B 355 -35.21 0.58 8.43
C HIS B 355 -35.75 1.70 7.51
N PRO B 356 -34.92 2.72 7.19
CA PRO B 356 -35.48 3.84 6.42
C PRO B 356 -36.15 3.44 5.12
N SER B 357 -35.74 2.34 4.49
CA SER B 357 -36.28 2.02 3.15
C SER B 357 -37.44 1.03 3.19
N GLY B 358 -37.79 0.56 4.39
CA GLY B 358 -38.83 -0.47 4.52
C GLY B 358 -38.46 -1.45 5.61
N THR B 359 -38.65 -2.74 5.36
CA THR B 359 -38.39 -3.77 6.37
C THR B 359 -37.49 -4.88 5.82
N LEU B 360 -36.95 -5.67 6.74
CA LEU B 360 -36.13 -6.82 6.42
C LEU B 360 -36.28 -7.87 7.49
N ARG B 361 -36.51 -9.12 7.06
CA ARG B 361 -36.60 -10.24 8.01
C ARG B 361 -35.30 -11.03 8.00
N VAL B 362 -34.78 -11.29 9.20
CA VAL B 362 -33.58 -12.08 9.40
CA VAL B 362 -33.58 -12.08 9.40
C VAL B 362 -33.87 -13.20 10.39
N GLY B 363 -33.38 -14.41 10.10
CA GLY B 363 -33.53 -15.53 11.01
C GLY B 363 -32.17 -15.80 11.67
N ALA B 364 -32.22 -16.08 12.97
CA ALA B 364 -31.06 -16.56 13.70
C ALA B 364 -31.61 -17.28 14.92
N GLN B 365 -31.47 -18.59 14.94
CA GLN B 365 -31.86 -19.35 16.11
C GLN B 365 -30.64 -19.50 17.02
N ALA B 366 -30.83 -19.16 18.29
CA ALA B 366 -29.79 -19.31 19.30
C ALA B 366 -30.15 -20.52 20.16
N VAL B 367 -29.12 -21.21 20.65
CA VAL B 367 -29.34 -22.36 21.53
C VAL B 367 -28.52 -22.16 22.80
N GLN B 368 -29.16 -22.40 23.95
CA GLN B 368 -28.49 -22.25 25.23
C GLN B 368 -28.14 -23.60 25.85
N GLU B 369 -26.90 -23.71 26.30
CA GLU B 369 -26.42 -24.89 27.04
C GLU B 369 -25.35 -24.41 28.01
N ASN B 370 -25.52 -24.75 29.29
CA ASN B 370 -24.59 -24.33 30.34
C ASN B 370 -24.41 -22.80 30.38
N GLY B 371 -25.53 -22.09 30.36
CA GLY B 371 -25.55 -20.62 30.49
C GLY B 371 -25.03 -19.82 29.30
N GLU B 372 -24.67 -20.50 28.21
CA GLU B 372 -24.12 -19.81 27.03
C GLU B 372 -25.01 -19.97 25.79
N TRP B 373 -25.11 -18.90 25.00
CA TRP B 373 -25.85 -18.93 23.74
C TRP B 373 -24.92 -19.05 22.56
N THR B 374 -25.33 -19.88 21.59
CA THR B 374 -24.59 -20.04 20.34
C THR B 374 -25.54 -19.96 19.15
N VAL B 375 -25.04 -19.45 18.02
CA VAL B 375 -25.85 -19.29 16.81
C VAL B 375 -25.17 -19.97 15.63
N ILE B 376 -25.79 -21.04 15.11
CA ILE B 376 -25.21 -21.83 14.00
C ILE B 376 -25.15 -21.00 12.73
N LYS B 377 -26.20 -20.23 12.48
CA LYS B 377 -26.27 -19.42 11.27
C LYS B 377 -27.30 -18.30 11.39
N ALA B 378 -27.05 -17.20 10.67
CA ALA B 378 -28.05 -16.17 10.43
C ALA B 378 -28.42 -16.22 8.95
N ILE B 379 -29.72 -16.13 8.66
CA ILE B 379 -30.20 -16.26 7.28
C ILE B 379 -31.06 -15.07 6.84
N MET B 380 -31.00 -14.78 5.55
CA MET B 380 -31.85 -13.76 4.95
C MET B 380 -31.84 -13.95 3.46
N SER B 381 -32.81 -13.33 2.80
CA SER B 381 -32.87 -13.39 1.35
C SER B 381 -32.55 -12.04 0.76
N ARG B 382 -31.85 -12.09 -0.38
CA ARG B 382 -31.61 -10.86 -1.15
CA ARG B 382 -31.39 -10.98 -1.18
C ARG B 382 -31.81 -11.16 -2.64
N SER B 383 -31.23 -10.33 -3.49
CA SER B 383 -31.31 -10.54 -4.94
C SER B 383 -30.10 -9.85 -5.53
N ALA B 384 -29.80 -10.15 -6.79
CA ALA B 384 -28.63 -9.54 -7.45
C ALA B 384 -28.83 -9.54 -8.96
N ARG B 385 -28.19 -8.59 -9.64
CA ARG B 385 -28.18 -8.63 -11.12
C ARG B 385 -27.00 -7.89 -11.69
N VAL B 386 -26.59 -8.33 -12.87
CA VAL B 386 -25.55 -7.64 -13.58
C VAL B 386 -26.14 -6.38 -14.19
N LEU B 387 -25.43 -5.27 -13.99
CA LEU B 387 -25.82 -3.98 -14.59
C LEU B 387 -25.02 -3.69 -15.86
N MET B 388 -23.71 -3.94 -15.80
CA MET B 388 -22.84 -3.77 -16.98
C MET B 388 -21.70 -4.75 -16.87
N GLU B 389 -21.27 -5.28 -18.02
CA GLU B 389 -20.19 -6.27 -18.02
C GLU B 389 -19.29 -5.92 -19.21
N GLY B 390 -17.99 -6.05 -18.99
CA GLY B 390 -17.03 -5.75 -20.06
C GLY B 390 -15.68 -5.40 -19.47
N PHE B 391 -15.25 -4.17 -19.69
CA PHE B 391 -13.94 -3.70 -19.23
C PHE B 391 -14.05 -2.33 -18.62
N VAL B 392 -13.47 -2.15 -17.43
CA VAL B 392 -13.29 -0.81 -16.91
C VAL B 392 -11.95 -0.28 -17.35
N ARG B 393 -11.82 1.04 -17.38
CA ARG B 393 -10.57 1.65 -17.79
C ARG B 393 -10.04 2.60 -16.74
N VAL B 394 -8.72 2.61 -16.58
CA VAL B 394 -8.01 3.63 -15.79
C VAL B 394 -6.72 3.96 -16.52
N PRO B 395 -6.16 5.15 -16.25
CA PRO B 395 -4.82 5.42 -16.81
C PRO B 395 -3.79 4.37 -16.40
N LYS B 396 -2.78 4.19 -17.25
CA LYS B 396 -1.73 3.23 -16.98
C LYS B 396 -1.09 3.53 -15.63
N PRO B 397 -1.09 2.55 -14.71
CA PRO B 397 -0.47 2.65 -13.38
C PRO B 397 1.00 3.09 -13.43
#